data_2YB0
#
_entry.id   2YB0
#
_cell.length_a   109.186
_cell.length_b   109.186
_cell.length_c   308.882
_cell.angle_alpha   90.00
_cell.angle_beta   90.00
_cell.angle_gamma   120.00
#
_symmetry.space_group_name_H-M   'P 31 2 1'
#
loop_
_entity.id
_entity.type
_entity.pdbx_description
1 polymer DUTPASE
2 non-polymer "2'-DEOXYURIDINE"
3 non-polymer 'SULFATE ION'
4 water water
#
_entity_poly.entity_id   1
_entity_poly.type   'polypeptide(L)'
_entity_poly.pdbx_seq_one_letter_code
;GPAMKRARSANIPGAILHSLAELQDGLNAMIDPSWRAVRSLDNWALAITMESTELLDSYPWKWWKNLNATPDLANVRIEL
VDIFHFSLSGAMQMRSTPDDEIPAASLKPLKEVMTTFLPAKECTSDPYGFVFFPLTDTQNAIASFRNIIQLANAYRFDVI
IECIIYAAEDLGFNLVAYYIAKHTLNCIRQLSGYKDGSYVKVNNGVEDNSLLHNCIKDVSLDEVLDADKYVQAWNSIMAN
VYEAFQIKESDRKDAERWFALAKENRLAIKA
;
_entity_poly.pdbx_strand_id   A,B,D,E
#
loop_
_chem_comp.id
_chem_comp.type
_chem_comp.name
_chem_comp.formula
DUR non-polymer 2'-DEOXYURIDINE 'C9 H12 N2 O5'
SO4 non-polymer 'SULFATE ION' 'O4 S -2'
#
# COMPACT_ATOMS: atom_id res chain seq x y z
N ALA A 10 5.13 0.01 -25.21
CA ALA A 10 5.20 -0.44 -23.78
C ALA A 10 6.59 -0.93 -23.35
N ASN A 11 7.40 -1.34 -24.35
CA ASN A 11 8.82 -1.64 -24.15
C ASN A 11 9.64 -0.42 -24.50
N ILE A 12 10.80 -0.30 -23.86
CA ILE A 12 11.64 0.89 -23.97
C ILE A 12 12.46 0.83 -25.24
N PRO A 13 12.29 1.83 -26.13
CA PRO A 13 13.13 1.81 -27.32
C PRO A 13 14.59 1.77 -26.92
N GLY A 14 15.39 1.10 -27.76
CA GLY A 14 16.83 1.01 -27.54
C GLY A 14 17.52 2.34 -27.31
N ALA A 15 17.17 3.34 -28.10
CA ALA A 15 17.80 4.65 -27.97
C ALA A 15 17.41 5.35 -26.66
N ILE A 16 16.27 4.96 -26.09
CA ILE A 16 15.90 5.53 -24.78
C ILE A 16 16.78 4.87 -23.71
N LEU A 17 16.92 3.56 -23.78
CA LEU A 17 17.80 2.81 -22.86
C LEU A 17 19.18 3.43 -22.84
N HIS A 18 19.74 3.61 -24.02
CA HIS A 18 21.05 4.23 -24.17
C HIS A 18 21.15 5.58 -23.45
N SER A 19 20.06 6.33 -23.40
CA SER A 19 20.09 7.62 -22.70
C SER A 19 19.90 7.49 -21.20
N LEU A 20 19.16 6.48 -20.76
CA LEU A 20 19.05 6.16 -19.34
C LEU A 20 20.43 5.78 -18.76
N ALA A 21 21.15 4.96 -19.51
CA ALA A 21 22.51 4.58 -19.18
C ALA A 21 23.39 5.80 -18.90
N GLU A 22 23.19 6.87 -19.67
CA GLU A 22 23.98 8.09 -19.49
C GLU A 22 23.63 8.82 -18.19
N LEU A 23 22.34 8.86 -17.82
CA LEU A 23 21.99 9.39 -16.51
C LEU A 23 22.57 8.52 -15.41
N GLN A 24 22.64 7.21 -15.66
CA GLN A 24 23.14 6.23 -14.66
C GLN A 24 24.63 6.45 -14.49
N ASP A 25 25.31 6.64 -15.61
CA ASP A 25 26.75 6.95 -15.62
C ASP A 25 27.01 8.16 -14.75
N GLY A 26 26.25 9.23 -14.97
CA GLY A 26 26.38 10.44 -14.19
C GLY A 26 26.14 10.28 -12.70
N LEU A 27 25.12 9.51 -12.32
CA LEU A 27 24.83 9.30 -10.91
C LEU A 27 26.00 8.51 -10.27
N ASN A 28 26.49 7.49 -10.97
CA ASN A 28 27.61 6.68 -10.44
C ASN A 28 28.87 7.50 -10.24
N ALA A 29 29.12 8.44 -11.15
CA ALA A 29 30.30 9.30 -11.08
C ALA A 29 30.20 10.28 -9.91
N MET A 30 28.98 10.69 -9.59
CA MET A 30 28.73 11.56 -8.46
C MET A 30 29.10 10.81 -7.17
N ILE A 31 28.88 9.50 -7.15
CA ILE A 31 29.19 8.67 -6.00
C ILE A 31 30.70 8.37 -5.90
N ASP A 32 31.31 7.93 -7.00
CA ASP A 32 32.77 7.82 -7.12
C ASP A 32 33.21 8.25 -8.51
N PRO A 33 34.11 9.25 -8.62
CA PRO A 33 34.64 9.72 -9.89
C PRO A 33 35.11 8.68 -10.91
N SER A 34 35.79 7.62 -10.50
CA SER A 34 36.25 6.62 -11.47
C SER A 34 35.52 5.30 -11.22
N TRP A 35 34.20 5.35 -11.30
CA TRP A 35 33.42 4.26 -10.76
C TRP A 35 33.72 2.95 -11.48
N ARG A 36 33.95 3.02 -12.79
CA ARG A 36 34.23 1.81 -13.55
C ARG A 36 35.49 1.06 -13.09
N ALA A 37 36.49 1.80 -12.63
CA ALA A 37 37.74 1.20 -12.15
C ALA A 37 37.62 0.80 -10.68
N VAL A 38 36.77 1.49 -9.93
CA VAL A 38 36.60 1.23 -8.49
C VAL A 38 35.61 0.07 -8.22
N ARG A 39 34.49 0.04 -8.95
CA ARG A 39 33.48 -0.99 -8.74
C ARG A 39 33.87 -2.28 -9.47
N SER A 40 33.22 -3.37 -9.10
CA SER A 40 33.47 -4.66 -9.72
C SER A 40 32.15 -5.19 -10.21
N LEU A 41 32.21 -6.14 -11.14
CA LEU A 41 31.03 -6.85 -11.60
C LEU A 41 30.22 -7.41 -10.43
N ASP A 42 30.93 -8.05 -9.49
CA ASP A 42 30.30 -8.64 -8.30
C ASP A 42 29.59 -7.61 -7.45
N ASN A 43 30.09 -6.38 -7.40
CA ASN A 43 29.37 -5.34 -6.65
C ASN A 43 27.93 -5.19 -7.16
N TRP A 44 27.79 -5.08 -8.48
CA TRP A 44 26.45 -4.88 -9.04
C TRP A 44 25.58 -6.13 -8.90
N ALA A 45 26.17 -7.30 -9.02
CA ALA A 45 25.43 -8.56 -8.92
C ALA A 45 24.92 -8.74 -7.49
N LEU A 46 25.75 -8.35 -6.54
CA LEU A 46 25.34 -8.37 -5.13
C LEU A 46 24.23 -7.37 -4.89
N ALA A 47 24.42 -6.14 -5.33
CA ALA A 47 23.34 -5.14 -5.15
C ALA A 47 21.96 -5.66 -5.62
N ILE A 48 21.94 -6.27 -6.80
CA ILE A 48 20.71 -6.80 -7.37
C ILE A 48 20.15 -7.94 -6.52
N THR A 49 21.02 -8.80 -6.01
CA THR A 49 20.61 -9.83 -5.09
C THR A 49 19.91 -9.22 -3.89
N MET A 50 20.57 -8.25 -3.24
CA MET A 50 20.03 -7.61 -2.04
C MET A 50 18.72 -6.87 -2.29
N GLU A 51 18.60 -6.21 -3.46
CA GLU A 51 17.37 -5.52 -3.79
C GLU A 51 16.30 -6.51 -4.15
N SER A 52 16.69 -7.62 -4.78
CA SER A 52 15.71 -8.69 -5.08
C SER A 52 15.00 -9.22 -3.81
N THR A 53 15.74 -9.37 -2.71
CA THR A 53 15.10 -9.86 -1.48
C THR A 53 14.31 -8.77 -0.80
N GLU A 54 14.73 -7.52 -0.99
CA GLU A 54 13.91 -6.41 -0.50
C GLU A 54 12.58 -6.35 -1.23
N LEU A 55 12.62 -6.63 -2.52
CA LEU A 55 11.40 -6.66 -3.31
C LEU A 55 10.50 -7.79 -2.79
N LEU A 56 11.04 -8.98 -2.61
CA LEU A 56 10.22 -10.12 -2.09
C LEU A 56 9.68 -9.84 -0.72
N ASP A 57 10.42 -9.09 0.07
CA ASP A 57 9.94 -8.77 1.44
C ASP A 57 8.77 -7.81 1.46
N SER A 58 8.43 -7.25 0.31
CA SER A 58 7.18 -6.46 0.18
C SER A 58 5.94 -7.35 0.11
N TYR A 59 6.14 -8.64 -0.06
CA TYR A 59 5.03 -9.59 -0.20
C TYR A 59 4.85 -10.36 1.10
N PRO A 60 3.64 -10.85 1.35
CA PRO A 60 3.38 -11.62 2.58
C PRO A 60 3.88 -13.06 2.44
N TRP A 61 5.19 -13.25 2.33
CA TRP A 61 5.78 -14.58 2.15
C TRP A 61 5.92 -15.41 3.44
N LYS A 62 5.89 -14.77 4.60
CA LYS A 62 6.10 -15.46 5.86
C LYS A 62 4.84 -16.17 6.34
N TRP A 63 4.95 -17.47 6.50
CA TRP A 63 3.87 -18.29 6.98
C TRP A 63 3.76 -18.33 8.51
N TRP A 64 4.62 -17.62 9.24
CA TRP A 64 4.60 -17.69 10.72
C TRP A 64 4.25 -16.38 11.41
N LYS A 65 3.90 -15.39 10.61
CA LYS A 65 3.83 -14.00 11.08
C LYS A 65 2.99 -13.15 10.09
N ASN A 66 2.16 -12.27 10.62
CA ASN A 66 1.46 -11.24 9.83
C ASN A 66 0.75 -11.85 8.63
N LEU A 67 -0.13 -12.81 8.92
CA LEU A 67 -0.72 -13.66 7.88
C LEU A 67 -1.79 -12.96 7.01
N ASN A 68 -2.26 -11.79 7.41
CA ASN A 68 -3.24 -11.02 6.66
C ASN A 68 -2.61 -9.82 5.95
N ALA A 69 -1.27 -9.78 5.88
CA ALA A 69 -0.60 -8.68 5.28
C ALA A 69 -0.85 -8.71 3.78
N THR A 70 -0.87 -7.54 3.15
CA THR A 70 -1.06 -7.46 1.71
C THR A 70 0.22 -7.05 1.02
N PRO A 71 0.39 -7.47 -0.24
CA PRO A 71 1.61 -7.05 -0.94
C PRO A 71 1.77 -5.53 -1.01
N ASP A 72 2.96 -5.04 -0.74
CA ASP A 72 3.23 -3.60 -0.84
C ASP A 72 3.75 -3.30 -2.22
N LEU A 73 2.82 -3.20 -3.17
CA LEU A 73 3.18 -3.11 -4.58
C LEU A 73 3.75 -1.74 -4.92
N ALA A 74 3.33 -0.70 -4.20
CA ALA A 74 4.05 0.59 -4.25
C ALA A 74 5.55 0.44 -4.04
N ASN A 75 5.93 -0.35 -3.05
CA ASN A 75 7.35 -0.56 -2.76
C ASN A 75 7.98 -1.43 -3.81
N VAL A 76 7.20 -2.36 -4.38
CA VAL A 76 7.73 -3.19 -5.46
C VAL A 76 8.13 -2.32 -6.62
N ARG A 77 7.34 -1.27 -6.92
CA ARG A 77 7.72 -0.36 -8.01
C ARG A 77 9.08 0.25 -7.78
N ILE A 78 9.32 0.71 -6.57
CA ILE A 78 10.59 1.32 -6.21
C ILE A 78 11.73 0.33 -6.35
N GLU A 79 11.53 -0.87 -5.82
CA GLU A 79 12.57 -1.86 -5.87
C GLU A 79 12.91 -2.31 -7.29
N LEU A 80 11.91 -2.40 -8.14
CA LEU A 80 12.16 -2.73 -9.55
C LEU A 80 13.08 -1.70 -10.20
N VAL A 81 12.90 -0.46 -9.80
CA VAL A 81 13.66 0.67 -10.34
C VAL A 81 15.07 0.69 -9.73
N ASP A 82 15.19 0.33 -8.45
CA ASP A 82 16.53 0.18 -7.86
C ASP A 82 17.30 -0.92 -8.60
N ILE A 83 16.66 -2.06 -8.84
CA ILE A 83 17.35 -3.12 -9.57
C ILE A 83 17.73 -2.63 -10.98
N PHE A 84 16.87 -1.79 -11.55
CA PHE A 84 17.13 -1.22 -12.85
C PHE A 84 18.44 -0.40 -12.79
N HIS A 85 18.60 0.47 -11.80
CA HIS A 85 19.82 1.27 -11.64
C HIS A 85 21.04 0.36 -11.63
N PHE A 86 20.97 -0.70 -10.83
CA PHE A 86 22.12 -1.60 -10.66
C PHE A 86 22.36 -2.45 -11.87
N SER A 87 21.30 -2.85 -12.57
CA SER A 87 21.47 -3.65 -13.78
C SER A 87 22.03 -2.80 -14.93
N LEU A 88 21.64 -1.53 -15.02
CA LEU A 88 22.23 -0.65 -16.06
C LEU A 88 23.72 -0.52 -15.77
N SER A 89 24.06 -0.39 -14.49
CA SER A 89 25.44 -0.20 -14.07
C SER A 89 26.27 -1.44 -14.43
N GLY A 90 25.78 -2.62 -14.03
CA GLY A 90 26.42 -3.89 -14.43
C GLY A 90 26.63 -4.05 -15.93
N ALA A 91 25.61 -3.75 -16.72
CA ALA A 91 25.72 -3.83 -18.19
C ALA A 91 26.85 -2.96 -18.75
N MET A 92 26.95 -1.73 -18.22
CA MET A 92 28.04 -0.81 -18.57
C MET A 92 29.40 -1.29 -18.08
N GLN A 93 29.41 -1.91 -16.90
CA GLN A 93 30.63 -2.49 -16.35
C GLN A 93 31.14 -3.61 -17.26
N MET A 94 30.24 -4.51 -17.69
CA MET A 94 30.61 -5.55 -18.66
C MET A 94 31.22 -4.96 -19.95
N ARG A 95 30.61 -3.90 -20.49
CA ARG A 95 31.12 -3.25 -21.72
C ARG A 95 32.55 -2.68 -21.55
N SER A 96 32.89 -2.31 -20.33
CA SER A 96 34.17 -1.67 -20.03
C SER A 96 35.20 -2.65 -19.46
N THR A 97 34.78 -3.89 -19.26
CA THR A 97 35.64 -4.93 -18.75
C THR A 97 36.39 -5.59 -19.91
N PRO A 98 37.74 -5.66 -19.84
CA PRO A 98 38.48 -6.31 -20.93
C PRO A 98 38.08 -7.76 -21.09
N ASP A 99 38.17 -8.27 -22.31
CA ASP A 99 37.65 -9.59 -22.62
C ASP A 99 38.30 -10.67 -21.77
N ASP A 100 39.61 -10.56 -21.54
CA ASP A 100 40.34 -11.55 -20.73
C ASP A 100 40.02 -11.49 -19.24
N GLU A 101 39.27 -10.47 -18.81
CA GLU A 101 38.73 -10.42 -17.44
C GLU A 101 37.22 -10.68 -17.38
N ILE A 102 36.60 -11.04 -18.52
CA ILE A 102 35.15 -11.32 -18.54
C ILE A 102 34.87 -12.66 -17.87
N PRO A 103 34.05 -12.67 -16.81
CA PRO A 103 33.76 -13.93 -16.13
C PRO A 103 33.11 -14.97 -17.05
N ALA A 104 33.60 -16.20 -17.01
CA ALA A 104 33.21 -17.25 -17.95
C ALA A 104 31.74 -17.63 -17.89
N ALA A 105 31.13 -17.47 -16.71
CA ALA A 105 29.71 -17.77 -16.55
C ALA A 105 28.82 -16.87 -17.44
N SER A 106 29.32 -15.67 -17.78
CA SER A 106 28.51 -14.76 -18.59
C SER A 106 28.38 -15.24 -20.04
N LEU A 107 29.27 -16.11 -20.49
CA LEU A 107 29.24 -16.57 -21.88
C LEU A 107 28.54 -17.90 -22.06
N LYS A 108 28.17 -18.57 -20.96
CA LYS A 108 27.53 -19.88 -21.04
C LYS A 108 26.06 -19.71 -21.40
N PRO A 109 25.47 -20.70 -22.09
CA PRO A 109 24.03 -20.72 -22.30
C PRO A 109 23.27 -20.62 -20.99
N LEU A 110 22.14 -19.93 -20.99
CA LEU A 110 21.36 -19.72 -19.78
C LEU A 110 20.96 -21.04 -19.07
N LYS A 111 20.62 -22.08 -19.83
CA LYS A 111 20.25 -23.40 -19.25
C LYS A 111 21.34 -23.94 -18.33
N GLU A 112 22.60 -23.63 -18.61
CA GLU A 112 23.71 -24.14 -17.83
C GLU A 112 23.95 -23.39 -16.53
N VAL A 113 23.44 -22.17 -16.40
CA VAL A 113 23.82 -21.35 -15.23
C VAL A 113 22.67 -21.05 -14.29
N MET A 114 21.53 -21.67 -14.54
CA MET A 114 20.45 -21.54 -13.58
C MET A 114 19.48 -22.70 -13.56
N THR A 115 18.70 -22.74 -12.50
CA THR A 115 17.59 -23.66 -12.45
C THR A 115 16.43 -22.73 -12.37
N THR A 116 15.54 -22.86 -13.34
CA THR A 116 14.43 -21.95 -13.48
C THR A 116 13.38 -22.41 -12.53
N PHE A 117 13.10 -21.56 -11.53
CA PHE A 117 12.03 -21.82 -10.61
C PHE A 117 10.74 -21.42 -11.28
N LEU A 118 9.75 -22.27 -11.12
CA LEU A 118 8.43 -22.10 -11.71
C LEU A 118 7.41 -22.16 -10.60
N PRO A 119 6.41 -21.28 -10.63
CA PRO A 119 5.34 -21.37 -9.65
C PRO A 119 4.53 -22.65 -9.86
N ALA A 120 3.83 -23.09 -8.82
CA ALA A 120 3.01 -24.30 -8.87
C ALA A 120 1.79 -24.10 -9.75
N LYS A 121 1.12 -22.96 -9.60
CA LYS A 121 -0.12 -22.71 -10.33
C LYS A 121 0.18 -22.13 -11.71
N GLU A 122 -0.69 -22.43 -12.67
CA GLU A 122 -0.55 -21.97 -14.07
C GLU A 122 -0.51 -20.45 -14.20
N CYS A 123 0.31 -19.97 -15.12
CA CYS A 123 0.49 -18.55 -15.29
C CYS A 123 1.14 -18.24 -16.62
N THR A 124 1.28 -16.95 -16.92
CA THR A 124 2.05 -16.52 -18.08
C THR A 124 3.38 -16.04 -17.58
N SER A 125 4.33 -15.92 -18.49
CA SER A 125 5.66 -15.42 -18.17
C SER A 125 6.16 -14.49 -19.27
N ASP A 126 7.29 -13.82 -19.01
CA ASP A 126 8.03 -13.12 -20.02
C ASP A 126 8.58 -14.12 -21.04
N PRO A 127 9.17 -13.62 -22.14
CA PRO A 127 9.64 -14.50 -23.22
C PRO A 127 10.76 -15.48 -22.85
N TYR A 128 11.50 -15.22 -21.79
CA TYR A 128 12.56 -16.15 -21.39
C TYR A 128 12.01 -17.24 -20.45
N GLY A 129 10.87 -16.97 -19.81
CA GLY A 129 10.26 -17.89 -18.87
C GLY A 129 10.86 -17.75 -17.48
N PHE A 130 11.33 -16.55 -17.11
CA PHE A 130 11.99 -16.31 -15.81
C PHE A 130 11.14 -15.49 -14.84
N VAL A 131 10.15 -14.78 -15.36
CA VAL A 131 9.32 -13.90 -14.57
C VAL A 131 7.86 -14.20 -14.88
N PHE A 132 7.01 -14.20 -13.86
CA PHE A 132 5.70 -14.81 -13.93
C PHE A 132 4.60 -13.82 -13.54
N PHE A 133 3.50 -13.88 -14.27
CA PHE A 133 2.42 -12.91 -14.14
C PHE A 133 1.12 -13.60 -13.73
N PRO A 134 0.29 -12.93 -12.93
CA PRO A 134 0.47 -11.57 -12.41
C PRO A 134 1.41 -11.47 -11.19
N LEU A 135 2.15 -10.38 -11.13
CA LEU A 135 3.08 -10.12 -10.07
C LEU A 135 2.38 -9.56 -8.84
N THR A 136 1.07 -9.43 -8.89
CA THR A 136 0.26 -9.25 -7.68
C THR A 136 0.27 -10.52 -6.79
N ASP A 137 0.65 -11.64 -7.37
CA ASP A 137 0.63 -12.92 -6.67
C ASP A 137 2.00 -13.26 -6.06
N THR A 138 1.98 -13.56 -4.78
CA THR A 138 3.20 -13.80 -3.99
C THR A 138 4.08 -14.88 -4.56
N GLN A 139 3.51 -16.02 -4.94
CA GLN A 139 4.35 -17.10 -5.45
C GLN A 139 4.92 -16.76 -6.83
N ASN A 140 4.15 -16.06 -7.66
CA ASN A 140 4.70 -15.62 -8.93
C ASN A 140 5.90 -14.72 -8.73
N ALA A 141 5.80 -13.82 -7.78
CA ALA A 141 6.92 -12.92 -7.46
C ALA A 141 8.15 -13.71 -6.98
N ILE A 142 7.91 -14.61 -6.05
CA ILE A 142 8.99 -15.39 -5.47
C ILE A 142 9.74 -16.11 -6.54
N ALA A 143 9.03 -16.90 -7.35
CA ALA A 143 9.75 -17.66 -8.36
C ALA A 143 10.46 -16.68 -9.31
N SER A 144 9.86 -15.52 -9.55
CA SER A 144 10.47 -14.56 -10.50
C SER A 144 11.83 -14.07 -9.98
N PHE A 145 11.87 -13.64 -8.72
CA PHE A 145 13.11 -13.05 -8.22
C PHE A 145 14.12 -14.04 -7.68
N ARG A 146 13.72 -15.27 -7.43
CA ARG A 146 14.74 -16.30 -7.25
C ARG A 146 15.44 -16.60 -8.58
N ASN A 147 14.75 -16.37 -9.69
CA ASN A 147 15.40 -16.47 -10.97
C ASN A 147 16.34 -15.29 -11.25
N ILE A 148 15.92 -14.09 -10.89
CA ILE A 148 16.70 -12.88 -11.15
C ILE A 148 18.04 -12.92 -10.42
N ILE A 149 17.99 -13.39 -9.19
CA ILE A 149 19.22 -13.61 -8.40
C ILE A 149 20.19 -14.48 -9.16
N GLN A 150 19.70 -15.58 -9.73
CA GLN A 150 20.60 -16.48 -10.50
C GLN A 150 21.14 -15.80 -11.76
N LEU A 151 20.33 -14.94 -12.38
CA LEU A 151 20.83 -14.20 -13.54
C LEU A 151 21.94 -13.25 -13.07
N ALA A 152 21.75 -12.62 -11.91
CA ALA A 152 22.83 -11.72 -11.40
C ALA A 152 24.12 -12.50 -11.16
N ASN A 153 24.02 -13.72 -10.62
CA ASN A 153 25.20 -14.55 -10.37
C ASN A 153 25.90 -14.91 -11.66
N ALA A 154 25.18 -14.93 -12.77
CA ALA A 154 25.80 -15.27 -14.06
C ALA A 154 26.14 -13.99 -14.86
N TYR A 155 25.96 -12.84 -14.20
CA TYR A 155 26.34 -11.54 -14.74
C TYR A 155 25.48 -11.13 -15.94
N ARG A 156 24.19 -11.51 -15.92
CA ARG A 156 23.33 -11.32 -17.07
C ARG A 156 22.47 -10.10 -16.92
N PHE A 157 23.14 -8.96 -16.79
CA PHE A 157 22.46 -7.70 -16.50
C PHE A 157 21.47 -7.32 -17.61
N ASP A 158 21.91 -7.56 -18.84
CA ASP A 158 21.11 -7.55 -20.07
C ASP A 158 19.72 -8.17 -19.92
N VAL A 159 19.71 -9.44 -19.59
CA VAL A 159 18.47 -10.21 -19.48
C VAL A 159 17.65 -9.66 -18.35
N ILE A 160 18.31 -9.25 -17.28
CA ILE A 160 17.60 -8.73 -16.13
C ILE A 160 16.81 -7.48 -16.54
N ILE A 161 17.47 -6.57 -17.25
CA ILE A 161 16.82 -5.32 -17.74
C ILE A 161 15.55 -5.67 -18.51
N GLU A 162 15.66 -6.61 -19.42
CA GLU A 162 14.49 -7.07 -20.13
C GLU A 162 13.41 -7.61 -19.20
N CYS A 163 13.77 -8.45 -18.22
CA CYS A 163 12.77 -8.98 -17.29
C CYS A 163 12.07 -7.87 -16.50
N ILE A 164 12.83 -6.88 -16.06
CA ILE A 164 12.24 -5.80 -15.25
C ILE A 164 11.23 -5.00 -16.07
N ILE A 165 11.57 -4.75 -17.34
CA ILE A 165 10.66 -4.06 -18.26
C ILE A 165 9.35 -4.81 -18.41
N TYR A 166 9.41 -6.13 -18.57
CA TYR A 166 8.19 -6.94 -18.62
C TYR A 166 7.46 -6.92 -17.29
N ALA A 167 8.22 -6.87 -16.19
CA ALA A 167 7.59 -6.81 -14.86
C ALA A 167 6.80 -5.52 -14.73
N ALA A 168 7.41 -4.39 -15.09
CA ALA A 168 6.73 -3.08 -15.03
C ALA A 168 5.48 -3.05 -15.89
N GLU A 169 5.54 -3.70 -17.04
CA GLU A 169 4.37 -3.76 -17.90
C GLU A 169 3.24 -4.55 -17.21
N ASP A 170 3.56 -5.71 -16.63
CA ASP A 170 2.54 -6.51 -15.95
C ASP A 170 1.90 -5.76 -14.79
N LEU A 171 2.70 -5.00 -14.06
CA LEU A 171 2.21 -4.25 -12.91
C LEU A 171 1.61 -2.90 -13.29
N GLY A 172 1.64 -2.56 -14.58
CA GLY A 172 0.91 -1.39 -15.08
C GLY A 172 1.40 -0.06 -14.57
N PHE A 173 2.70 0.04 -14.36
CA PHE A 173 3.26 1.35 -14.05
C PHE A 173 4.35 1.74 -15.03
N ASN A 174 4.76 2.99 -14.94
CA ASN A 174 5.64 3.57 -15.91
C ASN A 174 7.06 3.46 -15.41
N LEU A 175 7.78 2.48 -15.94
CA LEU A 175 9.10 2.18 -15.46
C LEU A 175 10.02 3.38 -15.59
N VAL A 176 9.99 4.03 -16.77
CA VAL A 176 10.95 5.09 -17.05
C VAL A 176 10.67 6.27 -16.14
N ALA A 177 9.41 6.61 -15.97
CA ALA A 177 9.05 7.73 -15.09
C ALA A 177 9.59 7.50 -13.67
N TYR A 178 9.37 6.28 -13.16
CA TYR A 178 9.85 5.89 -11.83
C TYR A 178 11.37 5.91 -11.75
N TYR A 179 12.05 5.44 -12.79
CA TYR A 179 13.51 5.55 -12.82
C TYR A 179 13.94 6.99 -12.67
N ILE A 180 13.38 7.91 -13.47
CA ILE A 180 13.84 9.29 -13.43
C ILE A 180 13.57 9.89 -12.00
N ALA A 181 12.44 9.53 -11.41
CA ALA A 181 12.11 10.00 -10.07
C ALA A 181 13.11 9.47 -9.01
N LYS A 182 13.39 8.18 -9.01
CA LYS A 182 14.29 7.63 -7.99
C LYS A 182 15.72 8.09 -8.26
N HIS A 183 16.09 8.19 -9.53
CA HIS A 183 17.38 8.77 -9.92
C HIS A 183 17.55 10.15 -9.30
N THR A 184 16.52 10.97 -9.38
CA THR A 184 16.60 12.29 -8.82
C THR A 184 16.80 12.20 -7.33
N LEU A 185 16.04 11.31 -6.68
CA LEU A 185 16.20 11.12 -5.24
C LEU A 185 17.60 10.67 -4.90
N ASN A 186 18.15 9.77 -5.67
CA ASN A 186 19.50 9.30 -5.37
C ASN A 186 20.46 10.47 -5.42
N CYS A 187 20.25 11.44 -6.32
CA CYS A 187 21.08 12.65 -6.33
C CYS A 187 20.83 13.47 -5.08
N ILE A 188 19.57 13.67 -4.76
CA ILE A 188 19.24 14.40 -3.55
C ILE A 188 19.93 13.81 -2.31
N ARG A 189 19.99 12.49 -2.24
CA ARG A 189 20.65 11.83 -1.11
C ARG A 189 22.15 12.15 -1.04
N GLN A 190 22.83 12.08 -2.18
CA GLN A 190 24.26 12.38 -2.21
C GLN A 190 24.56 13.82 -1.84
N LEU A 191 23.73 14.76 -2.30
CA LEU A 191 23.83 16.17 -1.95
C LEU A 191 23.65 16.41 -0.46
N SER A 192 22.78 15.63 0.17
CA SER A 192 22.38 15.86 1.57
C SER A 192 23.22 15.09 2.61
N GLY A 193 24.22 14.35 2.16
CA GLY A 193 25.19 13.70 3.05
C GLY A 193 24.86 12.27 3.44
N TYR A 194 24.40 11.48 2.48
CA TYR A 194 24.06 10.07 2.69
C TYR A 194 25.27 9.26 3.15
N LYS A 195 26.42 9.56 2.57
CA LYS A 195 27.67 8.85 2.86
C LYS A 195 28.16 8.95 4.30
N ASP A 196 27.86 10.06 4.97
CA ASP A 196 28.34 10.26 6.35
C ASP A 196 27.21 10.24 7.37
N GLY A 197 26.01 9.83 6.94
CA GLY A 197 24.86 9.69 7.83
C GLY A 197 24.10 10.94 8.24
N SER A 198 24.45 12.11 7.70
CA SER A 198 23.65 13.35 7.93
C SER A 198 22.26 13.30 7.28
N TYR A 199 22.08 12.44 6.28
CA TYR A 199 20.75 12.22 5.69
C TYR A 199 20.34 10.76 5.85
N VAL A 200 19.11 10.55 6.29
CA VAL A 200 18.54 9.24 6.45
C VAL A 200 17.30 9.07 5.55
N LYS A 201 17.20 7.87 5.02
CA LYS A 201 16.21 7.41 4.08
C LYS A 201 14.85 7.32 4.76
N VAL A 202 14.83 6.97 6.04
CA VAL A 202 13.60 6.76 6.82
C VAL A 202 13.70 7.26 8.26
N ASN A 203 12.74 8.09 8.69
CA ASN A 203 12.59 8.47 10.09
C ASN A 203 11.12 8.79 10.37
N ASN A 204 10.67 8.48 11.58
CA ASN A 204 9.28 8.68 12.06
C ASN A 204 8.20 8.16 11.11
N GLY A 205 8.44 6.99 10.53
CA GLY A 205 7.51 6.36 9.60
C GLY A 205 7.39 7.01 8.22
N VAL A 206 8.33 7.88 7.87
CA VAL A 206 8.36 8.57 6.59
C VAL A 206 9.60 8.15 5.85
N GLU A 207 9.39 7.41 4.79
CA GLU A 207 10.46 6.94 3.93
C GLU A 207 10.50 7.80 2.68
N ASP A 208 11.68 8.29 2.32
CA ASP A 208 11.80 9.19 1.19
C ASP A 208 11.24 8.59 -0.12
N ASN A 209 11.51 7.33 -0.39
CA ASN A 209 10.98 6.69 -1.59
C ASN A 209 9.46 6.84 -1.74
N SER A 210 8.74 6.82 -0.61
CA SER A 210 7.29 6.76 -0.64
C SER A 210 6.63 8.07 -1.09
N LEU A 211 7.41 9.15 -1.02
CA LEU A 211 6.99 10.47 -1.51
C LEU A 211 7.17 10.64 -3.03
N LEU A 212 7.85 9.69 -3.66
CA LEU A 212 8.07 9.75 -5.09
C LEU A 212 6.78 9.53 -5.94
N HIS A 213 5.88 8.67 -5.46
CA HIS A 213 4.70 8.28 -6.23
C HIS A 213 3.85 9.46 -6.68
N ASN A 214 3.65 10.43 -5.81
CA ASN A 214 2.79 11.54 -6.13
C ASN A 214 3.48 12.54 -7.09
N CYS A 215 4.79 12.45 -7.26
CA CYS A 215 5.53 13.26 -8.22
C CYS A 215 5.36 12.84 -9.68
N ILE A 216 4.83 11.65 -9.93
CA ILE A 216 4.75 11.16 -11.28
C ILE A 216 3.41 10.51 -11.57
N LYS A 217 2.41 10.82 -10.74
CA LYS A 217 1.12 10.16 -10.79
C LYS A 217 0.45 10.27 -12.18
N ASP A 218 0.54 11.45 -12.79
CA ASP A 218 -0.19 11.72 -14.02
C ASP A 218 0.72 11.71 -15.26
N VAL A 219 1.84 10.99 -15.19
CA VAL A 219 2.83 10.99 -16.28
C VAL A 219 2.59 9.83 -17.25
N SER A 220 2.44 10.17 -18.53
CA SER A 220 2.07 9.19 -19.54
C SER A 220 3.27 8.39 -20.02
N LEU A 221 3.00 7.19 -20.54
CA LEU A 221 4.03 6.39 -21.18
C LEU A 221 4.59 7.08 -22.43
N ASP A 222 3.72 7.66 -23.25
CA ASP A 222 4.15 8.34 -24.49
C ASP A 222 5.17 9.49 -24.23
N GLU A 223 4.85 10.42 -23.34
CA GLU A 223 5.82 11.42 -22.91
C GLU A 223 7.25 10.89 -22.77
N VAL A 224 7.44 9.89 -21.90
CA VAL A 224 8.78 9.57 -21.44
C VAL A 224 9.57 8.71 -22.40
N LEU A 225 8.90 8.16 -23.41
CA LEU A 225 9.50 7.20 -24.34
C LEU A 225 9.65 7.79 -25.75
N ASP A 226 9.14 9.00 -25.93
CA ASP A 226 9.05 9.61 -27.26
C ASP A 226 10.45 10.09 -27.62
N ALA A 227 11.07 9.44 -28.61
CA ALA A 227 12.47 9.73 -28.96
C ALA A 227 12.71 11.18 -29.40
N ASP A 228 11.68 12.03 -29.32
CA ASP A 228 11.83 13.48 -29.46
C ASP A 228 11.16 14.32 -28.37
N LYS A 229 10.33 13.73 -27.50
CA LYS A 229 9.67 14.51 -26.44
C LYS A 229 10.22 14.22 -25.05
N TYR A 230 11.13 13.27 -24.95
CA TYR A 230 11.47 12.65 -23.67
C TYR A 230 12.29 13.54 -22.74
N VAL A 231 13.17 14.36 -23.32
CA VAL A 231 14.03 15.21 -22.52
C VAL A 231 13.22 16.16 -21.64
N GLN A 232 12.26 16.83 -22.22
CA GLN A 232 11.39 17.76 -21.50
C GLN A 232 10.57 17.05 -20.45
N ALA A 233 10.14 15.83 -20.76
CA ALA A 233 9.32 15.04 -19.84
C ALA A 233 10.13 14.64 -18.61
N TRP A 234 11.37 14.20 -18.84
CA TRP A 234 12.25 13.80 -17.77
C TRP A 234 12.54 14.98 -16.86
N ASN A 235 12.77 16.14 -17.48
CA ASN A 235 13.09 17.37 -16.75
C ASN A 235 11.99 17.78 -15.80
N SER A 236 10.74 17.60 -16.22
CA SER A 236 9.62 17.97 -15.34
C SER A 236 9.53 17.00 -14.17
N ILE A 237 9.81 15.72 -14.42
CA ILE A 237 9.85 14.77 -13.31
C ILE A 237 10.94 15.19 -12.33
N MET A 238 12.15 15.42 -12.84
CA MET A 238 13.25 15.88 -12.01
C MET A 238 12.85 17.11 -11.16
N ALA A 239 12.28 18.12 -11.82
CA ALA A 239 11.84 19.34 -11.11
C ALA A 239 10.79 19.05 -10.05
N ASN A 240 9.86 18.13 -10.34
CA ASN A 240 8.84 17.76 -9.35
C ASN A 240 9.44 17.08 -8.11
N VAL A 241 10.42 16.21 -8.31
CA VAL A 241 11.09 15.55 -7.18
C VAL A 241 11.93 16.55 -6.39
N TYR A 242 12.74 17.34 -7.09
CA TYR A 242 13.50 18.39 -6.43
C TYR A 242 12.58 19.29 -5.61
N GLU A 243 11.44 19.65 -6.16
CA GLU A 243 10.54 20.55 -5.45
C GLU A 243 9.91 19.86 -4.24
N ALA A 244 9.62 18.58 -4.35
CA ALA A 244 8.94 17.85 -3.27
C ALA A 244 9.86 17.67 -2.05
N PHE A 245 11.17 17.73 -2.28
CA PHE A 245 12.17 17.68 -1.21
C PHE A 245 12.81 19.07 -0.95
N GLN A 246 12.17 20.12 -1.44
CA GLN A 246 12.61 21.50 -1.22
C GLN A 246 14.11 21.75 -1.50
N ILE A 247 14.61 21.23 -2.62
CA ILE A 247 16.00 21.42 -3.00
C ILE A 247 16.20 22.75 -3.78
N LYS A 248 17.18 23.56 -3.35
CA LYS A 248 17.53 24.82 -4.04
C LYS A 248 17.74 24.63 -5.53
N GLU A 249 17.34 25.62 -6.31
CA GLU A 249 17.51 25.62 -7.75
C GLU A 249 18.96 25.38 -8.19
N SER A 250 19.91 25.98 -7.47
CA SER A 250 21.34 25.83 -7.81
C SER A 250 21.93 24.44 -7.49
N ASP A 251 21.22 23.67 -6.66
CA ASP A 251 21.60 22.29 -6.36
C ASP A 251 20.98 21.30 -7.35
N ARG A 252 20.11 21.80 -8.24
CA ARG A 252 19.47 20.92 -9.21
C ARG A 252 20.33 20.75 -10.44
N LYS A 253 20.12 19.64 -11.11
CA LYS A 253 20.74 19.36 -12.41
C LYS A 253 19.60 18.88 -13.30
N ASP A 254 19.75 19.08 -14.61
CA ASP A 254 18.72 18.66 -15.58
C ASP A 254 19.28 17.56 -16.49
N ALA A 255 18.43 16.98 -17.33
CA ALA A 255 18.86 15.87 -18.19
C ALA A 255 20.05 16.26 -19.04
N GLU A 256 19.96 17.40 -19.71
CA GLU A 256 21.07 17.79 -20.59
C GLU A 256 22.36 17.99 -19.80
N ARG A 257 22.29 18.51 -18.58
CA ARG A 257 23.49 18.55 -17.74
C ARG A 257 24.11 17.16 -17.56
N TRP A 258 23.29 16.16 -17.25
CA TRP A 258 23.80 14.79 -17.09
C TRP A 258 24.29 14.21 -18.41
N PHE A 259 23.61 14.50 -19.50
CA PHE A 259 24.07 14.06 -20.82
C PHE A 259 25.40 14.70 -21.12
N ALA A 260 25.49 16.00 -20.87
CA ALA A 260 26.69 16.77 -21.15
C ALA A 260 27.82 16.29 -20.27
N LEU A 261 27.56 16.07 -18.99
CA LEU A 261 28.54 15.45 -18.11
C LEU A 261 29.04 14.15 -18.75
N ALA A 262 28.11 13.28 -19.14
CA ALA A 262 28.48 11.98 -19.71
C ALA A 262 29.22 12.09 -21.05
N LYS A 263 28.77 12.98 -21.94
CA LYS A 263 29.44 13.20 -23.22
C LYS A 263 30.84 13.80 -22.99
N GLU A 264 30.94 14.70 -22.02
CA GLU A 264 32.24 15.30 -21.64
C GLU A 264 33.18 14.26 -21.02
N ASN A 265 32.66 13.44 -20.10
CA ASN A 265 33.47 12.40 -19.47
C ASN A 265 33.86 11.27 -20.42
N ARG A 266 33.24 11.21 -21.61
CA ARG A 266 33.58 10.19 -22.61
C ARG A 266 34.63 10.69 -23.62
N LEU A 267 35.71 11.27 -23.12
CA LEU A 267 36.81 11.76 -23.97
C LEU A 267 38.16 11.74 -23.25
N LYS B 5 42.90 -36.65 27.84
CA LYS B 5 41.42 -36.54 27.60
C LYS B 5 41.04 -35.48 26.53
N ARG B 6 40.54 -35.95 25.38
CA ARG B 6 40.42 -35.12 24.19
C ARG B 6 39.35 -34.03 24.31
N ALA B 7 39.73 -32.80 23.94
CA ALA B 7 38.79 -31.69 23.92
C ALA B 7 37.72 -31.90 22.84
N ARG B 8 36.47 -31.62 23.19
CA ARG B 8 35.37 -31.71 22.23
C ARG B 8 35.36 -30.47 21.37
N SER B 9 35.22 -30.65 20.05
CA SER B 9 35.15 -29.53 19.13
C SER B 9 33.69 -29.12 18.88
N ALA B 10 33.51 -28.02 18.14
CA ALA B 10 32.23 -27.67 17.54
C ALA B 10 32.10 -28.46 16.23
N ASN B 11 31.24 -29.47 16.28
CA ASN B 11 30.99 -30.40 15.18
C ASN B 11 29.87 -31.28 15.71
N ILE B 12 28.68 -30.70 15.71
CA ILE B 12 27.56 -31.19 16.49
C ILE B 12 27.37 -32.70 16.30
N PRO B 13 27.44 -33.47 17.40
CA PRO B 13 27.27 -34.91 17.26
C PRO B 13 25.89 -35.31 16.74
N GLY B 14 25.82 -36.47 16.09
CA GLY B 14 24.57 -37.05 15.60
C GLY B 14 23.42 -37.03 16.61
N ALA B 15 23.68 -37.50 17.80
CA ALA B 15 22.62 -37.61 18.82
C ALA B 15 22.09 -36.23 19.22
N ILE B 16 22.99 -35.26 19.35
CA ILE B 16 22.61 -33.90 19.64
C ILE B 16 21.79 -33.32 18.48
N LEU B 17 22.21 -33.56 17.23
CA LEU B 17 21.50 -32.98 16.09
C LEU B 17 20.10 -33.57 16.00
N HIS B 18 19.93 -34.82 16.46
CA HIS B 18 18.62 -35.42 16.45
C HIS B 18 17.73 -34.73 17.48
N SER B 19 18.25 -34.51 18.67
CA SER B 19 17.49 -33.78 19.68
C SER B 19 17.12 -32.36 19.16
N LEU B 20 18.06 -31.68 18.51
CA LEU B 20 17.75 -30.38 17.91
C LEU B 20 16.61 -30.50 16.89
N ALA B 21 16.62 -31.57 16.11
CA ALA B 21 15.58 -31.79 15.12
C ALA B 21 14.23 -31.95 15.80
N GLU B 22 14.20 -32.63 16.93
CA GLU B 22 12.95 -32.78 17.69
C GLU B 22 12.42 -31.45 18.21
N LEU B 23 13.29 -30.56 18.67
CA LEU B 23 12.83 -29.24 19.06
C LEU B 23 12.30 -28.49 17.85
N GLN B 24 13.02 -28.58 16.73
CA GLN B 24 12.64 -27.87 15.50
C GLN B 24 11.28 -28.36 15.03
N ASP B 25 11.07 -29.67 15.14
CA ASP B 25 9.83 -30.27 14.72
C ASP B 25 8.69 -29.69 15.57
N GLY B 26 8.92 -29.64 16.87
CA GLY B 26 7.95 -29.09 17.80
C GLY B 26 7.57 -27.66 17.47
N LEU B 27 8.57 -26.83 17.17
CA LEU B 27 8.34 -25.44 16.87
C LEU B 27 7.55 -25.30 15.57
N ASN B 28 7.92 -26.08 14.56
CA ASN B 28 7.24 -26.05 13.28
C ASN B 28 5.78 -26.46 13.43
N ALA B 29 5.52 -27.40 14.34
CA ALA B 29 4.18 -27.92 14.60
C ALA B 29 3.30 -26.90 15.31
N MET B 30 3.90 -26.11 16.18
CA MET B 30 3.20 -24.96 16.76
C MET B 30 2.65 -24.06 15.64
N ILE B 31 3.43 -23.91 14.57
CA ILE B 31 3.10 -23.00 13.48
C ILE B 31 2.00 -23.63 12.60
N ASP B 32 2.21 -24.87 12.18
CA ASP B 32 1.17 -25.69 11.52
C ASP B 32 1.39 -27.12 11.96
N PRO B 33 0.35 -27.79 12.51
CA PRO B 33 0.51 -29.18 12.91
C PRO B 33 0.88 -30.11 11.76
N SER B 34 0.40 -29.81 10.56
CA SER B 34 0.70 -30.68 9.44
C SER B 34 1.86 -30.13 8.61
N TRP B 35 2.84 -29.51 9.29
CA TRP B 35 3.80 -28.67 8.58
C TRP B 35 4.54 -29.36 7.45
N ARG B 36 4.83 -30.65 7.61
CA ARG B 36 5.54 -31.35 6.54
C ARG B 36 4.67 -31.49 5.30
N ALA B 37 3.36 -31.61 5.49
CA ALA B 37 2.42 -31.67 4.37
C ALA B 37 2.18 -30.29 3.72
N VAL B 38 2.12 -29.23 4.53
CA VAL B 38 1.80 -27.90 3.99
C VAL B 38 3.01 -27.15 3.41
N ARG B 39 4.18 -27.29 4.04
CA ARG B 39 5.38 -26.59 3.59
C ARG B 39 6.01 -27.30 2.41
N SER B 40 6.77 -26.56 1.62
CA SER B 40 7.47 -27.12 0.46
C SER B 40 8.97 -27.03 0.67
N LEU B 41 9.74 -27.77 -0.10
CA LEU B 41 11.20 -27.59 -0.02
C LEU B 41 11.62 -26.15 -0.37
N ASP B 42 10.94 -25.55 -1.35
CA ASP B 42 11.21 -24.16 -1.76
C ASP B 42 10.95 -23.12 -0.66
N ASN B 43 9.93 -23.32 0.15
CA ASN B 43 9.70 -22.42 1.28
C ASN B 43 10.99 -22.30 2.12
N TRP B 44 11.60 -23.42 2.49
CA TRP B 44 12.80 -23.37 3.36
C TRP B 44 13.98 -22.75 2.62
N ALA B 45 14.15 -23.08 1.34
CA ALA B 45 15.20 -22.49 0.51
C ALA B 45 15.02 -20.98 0.40
N LEU B 46 13.79 -20.54 0.21
CA LEU B 46 13.48 -19.09 0.15
C LEU B 46 13.82 -18.45 1.46
N ALA B 47 13.39 -19.07 2.55
CA ALA B 47 13.64 -18.50 3.87
C ALA B 47 15.14 -18.35 4.10
N ILE B 48 15.93 -19.34 3.71
CA ILE B 48 17.37 -19.25 3.89
C ILE B 48 17.95 -18.11 3.01
N THR B 49 17.38 -17.97 1.82
CA THR B 49 17.78 -16.89 0.90
C THR B 49 17.54 -15.54 1.56
N MET B 50 16.38 -15.37 2.16
CA MET B 50 16.01 -14.10 2.76
C MET B 50 16.84 -13.76 3.99
N GLU B 51 17.13 -14.76 4.83
CA GLU B 51 17.95 -14.52 6.01
C GLU B 51 19.40 -14.30 5.62
N SER B 52 19.85 -14.97 4.59
CA SER B 52 21.22 -14.76 4.11
C SER B 52 21.49 -13.30 3.72
N THR B 53 20.53 -12.65 3.07
CA THR B 53 20.70 -11.23 2.71
C THR B 53 20.48 -10.33 3.93
N GLU B 54 19.58 -10.69 4.84
CA GLU B 54 19.48 -9.97 6.13
C GLU B 54 20.81 -10.00 6.88
N LEU B 55 21.43 -11.17 6.92
CA LEU B 55 22.72 -11.32 7.56
C LEU B 55 23.72 -10.41 6.83
N LEU B 56 23.76 -10.44 5.51
CA LEU B 56 24.74 -9.63 4.76
C LEU B 56 24.56 -8.14 5.02
N ASP B 57 23.32 -7.74 5.26
CA ASP B 57 22.98 -6.35 5.57
C ASP B 57 23.48 -5.91 6.93
N SER B 58 23.96 -6.84 7.74
CA SER B 58 24.64 -6.51 8.98
C SER B 58 26.03 -5.91 8.71
N TYR B 59 26.62 -6.21 7.56
CA TYR B 59 27.94 -5.68 7.18
C TYR B 59 27.79 -4.37 6.40
N PRO B 60 28.83 -3.52 6.38
CA PRO B 60 28.81 -2.27 5.61
C PRO B 60 29.22 -2.51 4.16
N TRP B 61 28.34 -3.13 3.38
CA TRP B 61 28.64 -3.50 2.00
C TRP B 61 28.36 -2.36 1.03
N LYS B 62 27.61 -1.36 1.46
CA LYS B 62 27.14 -0.31 0.58
C LYS B 62 28.18 0.82 0.44
N TRP B 63 28.50 1.16 -0.81
CA TRP B 63 29.55 2.16 -1.10
C TRP B 63 28.97 3.55 -1.32
N TRP B 64 27.68 3.72 -1.08
CA TRP B 64 27.01 5.00 -1.36
C TRP B 64 26.36 5.63 -0.13
N LYS B 65 26.61 5.04 1.03
CA LYS B 65 25.86 5.30 2.27
C LYS B 65 26.68 4.80 3.47
N ASN B 66 26.72 5.56 4.57
CA ASN B 66 27.28 5.06 5.85
C ASN B 66 28.63 4.40 5.67
N LEU B 67 29.56 5.15 5.12
CA LEU B 67 30.84 4.62 4.70
C LEU B 67 31.71 4.17 5.89
N ASN B 68 31.54 4.79 7.06
CA ASN B 68 32.30 4.38 8.26
C ASN B 68 31.65 3.36 9.17
N ALA B 69 30.58 2.69 8.73
CA ALA B 69 29.93 1.69 9.57
C ALA B 69 30.83 0.46 9.74
N THR B 70 30.64 -0.24 10.86
CA THR B 70 31.31 -1.52 11.10
C THR B 70 30.26 -2.64 11.19
N PRO B 71 30.66 -3.91 10.98
CA PRO B 71 29.73 -5.05 11.07
C PRO B 71 28.98 -5.14 12.40
N ASP B 72 27.69 -5.46 12.34
CA ASP B 72 26.91 -5.73 13.55
C ASP B 72 26.95 -7.24 13.80
N LEU B 73 27.98 -7.70 14.48
CA LEU B 73 28.20 -9.12 14.63
C LEU B 73 27.19 -9.78 15.58
N ALA B 74 26.62 -9.01 16.51
CA ALA B 74 25.55 -9.52 17.34
C ALA B 74 24.38 -9.96 16.45
N ASN B 75 23.99 -9.12 15.50
CA ASN B 75 22.91 -9.49 14.57
C ASN B 75 23.29 -10.68 13.68
N VAL B 76 24.55 -10.73 13.23
CA VAL B 76 25.04 -11.87 12.47
C VAL B 76 24.88 -13.20 13.23
N ARG B 77 25.16 -13.19 14.53
CA ARG B 77 25.02 -14.38 15.38
C ARG B 77 23.57 -14.89 15.34
N ILE B 78 22.61 -13.99 15.54
CA ILE B 78 21.21 -14.37 15.52
C ILE B 78 20.76 -14.84 14.16
N GLU B 79 21.28 -14.21 13.10
CA GLU B 79 20.84 -14.56 11.75
C GLU B 79 21.36 -15.95 11.37
N LEU B 80 22.60 -16.26 11.78
CA LEU B 80 23.14 -17.60 11.59
C LEU B 80 22.25 -18.66 12.27
N VAL B 81 21.75 -18.33 13.44
CA VAL B 81 20.85 -19.22 14.16
C VAL B 81 19.52 -19.36 13.45
N ASP B 82 19.01 -18.25 12.89
CA ASP B 82 17.78 -18.30 12.09
C ASP B 82 18.00 -19.16 10.85
N ILE B 83 19.13 -19.00 10.19
CA ILE B 83 19.40 -19.83 9.02
C ILE B 83 19.43 -21.32 9.44
N PHE B 84 20.02 -21.60 10.60
CA PHE B 84 20.06 -22.97 11.15
C PHE B 84 18.65 -23.56 11.35
N HIS B 85 17.72 -22.78 11.90
CA HIS B 85 16.33 -23.23 12.03
C HIS B 85 15.79 -23.71 10.67
N PHE B 86 15.95 -22.87 9.63
CA PHE B 86 15.34 -23.13 8.34
C PHE B 86 16.01 -24.27 7.63
N SER B 87 17.33 -24.31 7.70
CA SER B 87 18.10 -25.39 7.10
C SER B 87 17.81 -26.73 7.73
N LEU B 88 17.65 -26.74 9.05
CA LEU B 88 17.39 -27.99 9.77
C LEU B 88 15.99 -28.45 9.35
N SER B 89 15.07 -27.49 9.21
CA SER B 89 13.72 -27.81 8.75
C SER B 89 13.73 -28.37 7.34
N GLY B 90 14.55 -27.77 6.48
CA GLY B 90 14.67 -28.27 5.13
C GLY B 90 15.31 -29.63 5.02
N ALA B 91 16.40 -29.85 5.77
CA ALA B 91 17.06 -31.16 5.76
C ALA B 91 16.06 -32.23 6.26
N MET B 92 15.24 -31.92 7.26
CA MET B 92 14.31 -32.92 7.77
C MET B 92 13.09 -33.10 6.86
N GLN B 93 12.62 -32.03 6.24
CA GLN B 93 11.60 -32.16 5.22
C GLN B 93 12.08 -33.00 4.04
N MET B 94 13.34 -32.81 3.63
CA MET B 94 13.91 -33.61 2.54
C MET B 94 13.85 -35.11 2.89
N ARG B 95 14.20 -35.48 4.12
CA ARG B 95 14.07 -36.88 4.56
C ARG B 95 12.59 -37.38 4.48
N SER B 96 11.63 -36.49 4.67
CA SER B 96 10.19 -36.82 4.61
C SER B 96 9.61 -36.85 3.19
N THR B 97 10.32 -36.30 2.21
CA THR B 97 9.79 -36.12 0.86
C THR B 97 9.87 -37.39 0.00
N PRO B 98 8.75 -37.80 -0.63
CA PRO B 98 8.78 -38.96 -1.54
C PRO B 98 9.65 -38.72 -2.75
N ASP B 99 10.20 -39.80 -3.29
CA ASP B 99 11.25 -39.70 -4.30
C ASP B 99 10.78 -39.11 -5.64
N ASP B 100 9.51 -39.37 -5.99
CA ASP B 100 8.93 -38.74 -7.19
C ASP B 100 8.72 -37.22 -7.02
N GLU B 101 8.68 -36.75 -5.77
CA GLU B 101 8.64 -35.31 -5.47
C GLU B 101 10.02 -34.67 -5.18
N ILE B 102 11.10 -35.46 -5.27
CA ILE B 102 12.45 -34.95 -5.04
C ILE B 102 12.93 -34.13 -6.24
N PRO B 103 13.26 -32.85 -6.03
CA PRO B 103 13.65 -32.00 -7.15
C PRO B 103 15.00 -32.36 -7.77
N ALA B 104 15.03 -32.37 -9.11
CA ALA B 104 16.18 -32.88 -9.86
C ALA B 104 17.48 -32.20 -9.50
N ALA B 105 17.42 -30.93 -9.10
CA ALA B 105 18.63 -30.17 -8.84
C ALA B 105 19.36 -30.67 -7.57
N SER B 106 18.62 -31.19 -6.61
CA SER B 106 19.22 -31.80 -5.40
C SER B 106 20.07 -33.03 -5.71
N LEU B 107 19.84 -33.67 -6.86
CA LEU B 107 20.57 -34.85 -7.31
C LEU B 107 21.66 -34.56 -8.35
N LYS B 108 21.66 -33.37 -8.96
CA LYS B 108 22.69 -32.99 -9.93
C LYS B 108 23.99 -32.66 -9.17
N PRO B 109 25.15 -32.85 -9.82
CA PRO B 109 26.39 -32.46 -9.14
C PRO B 109 26.46 -30.95 -8.88
N LEU B 110 27.01 -30.57 -7.74
CA LEU B 110 27.01 -29.17 -7.32
C LEU B 110 27.61 -28.24 -8.37
N LYS B 111 28.73 -28.67 -8.95
CA LYS B 111 29.45 -27.91 -9.98
C LYS B 111 28.52 -27.45 -11.09
N GLU B 112 27.50 -28.24 -11.40
CA GLU B 112 26.58 -27.93 -12.47
C GLU B 112 25.58 -26.87 -12.06
N VAL B 113 25.24 -26.82 -10.79
CA VAL B 113 24.17 -25.93 -10.33
C VAL B 113 24.68 -24.76 -9.51
N MET B 114 25.99 -24.51 -9.52
CA MET B 114 26.50 -23.36 -8.77
C MET B 114 27.89 -22.97 -9.18
N THR B 115 28.19 -21.71 -9.03
CA THR B 115 29.56 -21.26 -9.17
C THR B 115 29.92 -20.66 -7.84
N THR B 116 31.09 -21.06 -7.38
CA THR B 116 31.54 -20.76 -6.04
C THR B 116 32.22 -19.41 -6.05
N PHE B 117 31.70 -18.48 -5.28
CA PHE B 117 32.33 -17.18 -5.17
C PHE B 117 33.46 -17.22 -4.18
N LEU B 118 34.57 -16.59 -4.55
CA LEU B 118 35.77 -16.53 -3.71
C LEU B 118 36.08 -15.08 -3.40
N PRO B 119 36.55 -14.77 -2.17
CA PRO B 119 37.01 -13.39 -1.95
C PRO B 119 38.32 -13.13 -2.67
N ALA B 120 38.67 -11.86 -2.87
CA ALA B 120 39.93 -11.52 -3.52
C ALA B 120 41.14 -11.80 -2.62
N LYS B 121 41.05 -11.42 -1.35
CA LYS B 121 42.20 -11.52 -0.46
C LYS B 121 42.31 -12.93 0.12
N GLU B 122 43.54 -13.37 0.31
CA GLU B 122 43.85 -14.70 0.83
C GLU B 122 43.06 -14.96 2.09
N CYS B 123 42.57 -16.19 2.25
CA CYS B 123 41.84 -16.52 3.47
C CYS B 123 41.76 -18.01 3.67
N THR B 124 41.30 -18.40 4.85
CA THR B 124 40.96 -19.79 5.09
C THR B 124 39.46 -19.96 4.84
N SER B 125 39.06 -21.20 4.61
CA SER B 125 37.68 -21.54 4.37
C SER B 125 37.29 -22.79 5.14
N ASP B 126 36.00 -23.12 5.10
CA ASP B 126 35.49 -24.33 5.67
C ASP B 126 35.91 -25.47 4.75
N PRO B 127 35.61 -26.71 5.14
CA PRO B 127 36.16 -27.82 4.36
C PRO B 127 35.63 -27.95 2.93
N TYR B 128 34.41 -27.49 2.68
CA TYR B 128 33.82 -27.57 1.36
C TYR B 128 34.38 -26.50 0.44
N GLY B 129 34.79 -25.38 1.02
CA GLY B 129 35.30 -24.24 0.25
C GLY B 129 34.22 -23.19 -0.03
N PHE B 130 33.17 -23.18 0.76
CA PHE B 130 32.02 -22.31 0.51
C PHE B 130 31.94 -21.11 1.42
N VAL B 131 32.53 -21.21 2.61
CA VAL B 131 32.46 -20.13 3.59
C VAL B 131 33.86 -19.73 4.04
N PHE B 132 34.07 -18.44 4.32
CA PHE B 132 35.41 -17.88 4.32
C PHE B 132 35.69 -17.10 5.59
N PHE B 133 36.89 -17.30 6.13
CA PHE B 133 37.24 -16.77 7.43
C PHE B 133 38.44 -15.87 7.31
N PRO B 134 38.50 -14.81 8.12
CA PRO B 134 37.55 -14.47 9.18
C PRO B 134 36.27 -13.81 8.69
N LEU B 135 35.16 -14.11 9.38
CA LEU B 135 33.87 -13.53 9.08
C LEU B 135 33.65 -12.13 9.66
N THR B 136 34.66 -11.60 10.34
CA THR B 136 34.67 -10.18 10.71
C THR B 136 34.93 -9.30 9.46
N ASP B 137 35.37 -9.92 8.36
CA ASP B 137 35.66 -9.22 7.11
C ASP B 137 34.45 -9.26 6.18
N THR B 138 34.03 -8.09 5.71
CA THR B 138 32.80 -8.01 4.94
C THR B 138 32.89 -8.79 3.61
N GLN B 139 34.03 -8.73 2.94
CA GLN B 139 34.20 -9.45 1.68
C GLN B 139 34.10 -10.95 1.86
N ASN B 140 34.71 -11.47 2.94
CA ASN B 140 34.55 -12.88 3.32
C ASN B 140 33.09 -13.24 3.52
N ALA B 141 32.36 -12.40 4.26
CA ALA B 141 30.96 -12.65 4.50
C ALA B 141 30.17 -12.66 3.20
N ILE B 142 30.44 -11.70 2.31
CA ILE B 142 29.69 -11.59 1.07
C ILE B 142 29.81 -12.85 0.20
N ALA B 143 31.02 -13.31 -0.02
CA ALA B 143 31.23 -14.50 -0.82
C ALA B 143 30.60 -15.73 -0.16
N SER B 144 30.70 -15.82 1.16
CA SER B 144 30.16 -16.95 1.88
C SER B 144 28.66 -17.04 1.65
N PHE B 145 27.97 -15.93 1.86
CA PHE B 145 26.53 -15.98 1.79
C PHE B 145 25.93 -15.95 0.39
N ARG B 146 26.70 -15.46 -0.57
CA ARG B 146 26.32 -15.68 -1.95
C ARG B 146 26.40 -17.17 -2.26
N ASN B 147 27.39 -17.84 -1.70
CA ASN B 147 27.46 -19.30 -1.83
C ASN B 147 26.30 -20.04 -1.13
N ILE B 148 25.92 -19.59 0.06
CA ILE B 148 24.83 -20.23 0.82
C ILE B 148 23.51 -20.16 0.05
N ILE B 149 23.25 -19.02 -0.57
CA ILE B 149 22.04 -18.84 -1.38
C ILE B 149 21.99 -19.90 -2.49
N GLN B 150 23.09 -20.09 -3.21
CA GLN B 150 23.16 -21.09 -4.27
C GLN B 150 23.01 -22.53 -3.76
N LEU B 151 23.53 -22.79 -2.57
CA LEU B 151 23.35 -24.10 -1.94
C LEU B 151 21.87 -24.33 -1.61
N ALA B 152 21.22 -23.31 -1.07
CA ALA B 152 19.79 -23.37 -0.81
C ALA B 152 19.02 -23.70 -2.09
N ASN B 153 19.34 -23.00 -3.19
CA ASN B 153 18.69 -23.24 -4.48
C ASN B 153 18.84 -24.65 -5.01
N ALA B 154 19.94 -25.31 -4.67
CA ALA B 154 20.10 -26.71 -5.04
C ALA B 154 19.74 -27.67 -3.86
N TYR B 155 19.03 -27.13 -2.87
CA TYR B 155 18.46 -27.94 -1.79
C TYR B 155 19.50 -28.65 -0.91
N ARG B 156 20.69 -28.07 -0.77
CA ARG B 156 21.75 -28.74 0.01
C ARG B 156 21.70 -28.30 1.45
N PHE B 157 20.59 -28.62 2.10
CA PHE B 157 20.34 -28.14 3.45
C PHE B 157 21.36 -28.68 4.44
N ASP B 158 21.82 -29.91 4.23
CA ASP B 158 22.79 -30.49 5.14
C ASP B 158 24.18 -29.86 4.98
N VAL B 159 24.59 -29.56 3.75
CA VAL B 159 25.84 -28.81 3.55
C VAL B 159 25.77 -27.46 4.25
N ILE B 160 24.62 -26.81 4.16
CA ILE B 160 24.39 -25.52 4.81
C ILE B 160 24.52 -25.61 6.36
N ILE B 161 23.88 -26.60 6.97
CA ILE B 161 24.07 -26.83 8.41
C ILE B 161 25.57 -26.94 8.76
N GLU B 162 26.34 -27.72 8.00
CA GLU B 162 27.76 -27.84 8.26
C GLU B 162 28.45 -26.49 8.19
N CYS B 163 28.23 -25.74 7.12
CA CYS B 163 28.84 -24.42 6.97
C CYS B 163 28.51 -23.50 8.15
N ILE B 164 27.26 -23.48 8.57
CA ILE B 164 26.86 -22.60 9.67
C ILE B 164 27.66 -22.97 10.93
N ILE B 165 27.93 -24.27 11.10
CA ILE B 165 28.69 -24.73 12.26
C ILE B 165 30.11 -24.18 12.23
N TYR B 166 30.75 -24.20 11.05
CA TYR B 166 32.09 -23.64 10.93
C TYR B 166 32.06 -22.12 11.08
N ALA B 167 30.97 -21.49 10.66
CA ALA B 167 30.83 -20.05 10.79
C ALA B 167 30.74 -19.63 12.26
N ALA B 168 29.90 -20.30 13.02
CA ALA B 168 29.76 -20.06 14.48
C ALA B 168 31.08 -20.20 15.22
N GLU B 169 31.84 -21.21 14.83
CA GLU B 169 33.16 -21.44 15.37
C GLU B 169 34.11 -20.27 15.09
N ASP B 170 34.13 -19.76 13.85
CA ASP B 170 35.03 -18.64 13.50
C ASP B 170 34.67 -17.41 14.31
N LEU B 171 33.38 -17.16 14.43
CA LEU B 171 32.89 -15.97 15.13
C LEU B 171 32.95 -16.13 16.65
N GLY B 172 33.24 -17.35 17.12
CA GLY B 172 33.52 -17.58 18.53
C GLY B 172 32.30 -17.48 19.43
N PHE B 173 31.19 -18.05 18.97
CA PHE B 173 30.01 -18.19 19.83
C PHE B 173 29.46 -19.62 19.80
N ASN B 174 28.60 -19.89 20.78
CA ASN B 174 28.04 -21.22 21.00
C ASN B 174 26.74 -21.35 20.21
N LEU B 175 26.83 -22.00 19.07
CA LEU B 175 25.71 -22.11 18.12
C LEU B 175 24.53 -22.80 18.78
N VAL B 176 24.78 -23.95 19.38
CA VAL B 176 23.73 -24.73 19.98
C VAL B 176 23.04 -23.94 21.09
N ALA B 177 23.82 -23.28 21.95
CA ALA B 177 23.22 -22.50 23.02
C ALA B 177 22.34 -21.40 22.44
N TYR B 178 22.81 -20.71 21.39
CA TYR B 178 22.00 -19.67 20.76
C TYR B 178 20.75 -20.29 20.12
N TYR B 179 20.90 -21.42 19.45
CA TYR B 179 19.74 -22.07 18.87
C TYR B 179 18.64 -22.26 19.91
N ILE B 180 19.01 -22.76 21.09
CA ILE B 180 18.02 -23.03 22.12
C ILE B 180 17.34 -21.76 22.61
N ALA B 181 18.13 -20.70 22.78
CA ALA B 181 17.63 -19.40 23.17
C ALA B 181 16.65 -18.85 22.13
N LYS B 182 16.99 -18.92 20.85
CA LYS B 182 16.13 -18.36 19.82
C LYS B 182 14.91 -19.27 19.60
N HIS B 183 15.12 -20.57 19.71
CA HIS B 183 14.02 -21.50 19.61
C HIS B 183 12.97 -21.13 20.65
N THR B 184 13.42 -20.78 21.85
CA THR B 184 12.49 -20.47 22.96
C THR B 184 11.74 -19.16 22.64
N LEU B 185 12.46 -18.17 22.08
CA LEU B 185 11.80 -16.92 21.71
C LEU B 185 10.74 -17.19 20.62
N ASN B 186 11.09 -18.02 19.64
CA ASN B 186 10.18 -18.36 18.56
C ASN B 186 8.90 -18.95 19.08
N CYS B 187 9.02 -19.84 20.06
CA CYS B 187 7.86 -20.39 20.71
C CYS B 187 7.06 -19.31 21.41
N ILE B 188 7.75 -18.39 22.08
CA ILE B 188 7.09 -17.30 22.80
C ILE B 188 6.32 -16.41 21.82
N ARG B 189 6.95 -16.11 20.70
CA ARG B 189 6.30 -15.37 19.64
C ARG B 189 4.96 -16.03 19.25
N GLN B 190 4.98 -17.33 18.97
CA GLN B 190 3.75 -18.01 18.54
C GLN B 190 2.68 -18.00 19.63
N LEU B 191 3.07 -18.24 20.87
CA LEU B 191 2.13 -18.13 22.01
C LEU B 191 1.48 -16.73 22.12
N SER B 192 2.22 -15.71 21.71
CA SER B 192 1.85 -14.33 21.97
C SER B 192 1.24 -13.60 20.76
N GLY B 193 0.87 -14.35 19.72
CA GLY B 193 0.15 -13.79 18.57
C GLY B 193 1.01 -13.15 17.48
N TYR B 194 2.09 -13.80 17.10
CA TYR B 194 2.93 -13.29 16.02
C TYR B 194 2.16 -13.30 14.66
N LYS B 195 1.39 -14.37 14.44
CA LYS B 195 0.60 -14.57 13.22
C LYS B 195 -0.41 -13.48 12.93
N ASP B 196 -1.15 -13.08 13.95
CA ASP B 196 -1.99 -11.88 13.86
C ASP B 196 -1.09 -10.70 14.29
N GLY B 197 -1.62 -9.52 14.46
CA GLY B 197 -0.75 -8.39 14.82
C GLY B 197 -0.19 -8.38 16.25
N SER B 198 -0.82 -9.13 17.16
CA SER B 198 -0.65 -8.98 18.63
C SER B 198 0.77 -8.73 19.15
N TYR B 199 1.70 -9.59 18.74
CA TYR B 199 3.10 -9.49 19.21
C TYR B 199 3.95 -8.74 18.19
N VAL B 200 4.73 -7.78 18.67
CA VAL B 200 5.74 -7.10 17.83
C VAL B 200 7.16 -7.31 18.42
N LYS B 201 8.16 -7.42 17.54
CA LYS B 201 9.56 -7.63 17.95
C LYS B 201 10.10 -6.50 18.83
N VAL B 202 9.96 -5.26 18.34
CA VAL B 202 10.45 -4.08 19.07
C VAL B 202 9.52 -3.72 20.22
N ASN B 203 10.07 -3.73 21.44
CA ASN B 203 9.30 -3.49 22.66
C ASN B 203 9.91 -2.35 23.48
N ASN B 204 9.39 -1.14 23.26
CA ASN B 204 9.83 0.07 23.94
C ASN B 204 11.33 0.35 23.79
N GLY B 205 11.84 0.17 22.57
CA GLY B 205 13.24 0.48 22.24
C GLY B 205 14.05 -0.69 21.67
N VAL B 206 14.07 -1.81 22.39
CA VAL B 206 14.93 -2.93 22.04
C VAL B 206 14.20 -4.04 21.29
N GLU B 207 14.83 -4.55 20.24
CA GLU B 207 14.41 -5.78 19.54
C GLU B 207 14.45 -6.95 20.53
N ASP B 208 13.51 -7.87 20.42
CA ASP B 208 13.44 -9.02 21.35
C ASP B 208 14.63 -9.96 21.22
N ASN B 209 15.12 -10.15 20.00
CA ASN B 209 16.35 -10.89 19.76
C ASN B 209 17.48 -10.46 20.70
N SER B 210 17.56 -9.16 20.99
CA SER B 210 18.69 -8.60 21.76
C SER B 210 18.79 -9.08 23.22
N LEU B 211 17.71 -9.62 23.78
CA LEU B 211 17.72 -10.07 25.18
C LEU B 211 18.32 -11.47 25.36
N LEU B 212 18.45 -12.22 24.27
CA LEU B 212 18.95 -13.60 24.31
C LEU B 212 20.43 -13.69 24.67
N HIS B 213 21.22 -12.68 24.31
CA HIS B 213 22.67 -12.71 24.56
C HIS B 213 23.01 -13.00 26.04
N ASN B 214 22.33 -12.33 26.96
CA ASN B 214 22.55 -12.55 28.41
C ASN B 214 22.02 -13.90 28.89
N CYS B 215 21.05 -14.46 28.18
CA CYS B 215 20.49 -15.76 28.53
C CYS B 215 21.45 -16.93 28.26
N ILE B 216 22.52 -16.70 27.51
CA ILE B 216 23.49 -17.77 27.21
C ILE B 216 24.91 -17.44 27.66
N LYS B 217 25.07 -16.40 28.47
CA LYS B 217 26.39 -16.03 28.99
C LYS B 217 27.02 -17.16 29.83
N ASP B 218 26.18 -17.89 30.57
CA ASP B 218 26.65 -18.88 31.56
C ASP B 218 26.81 -20.32 31.04
N VAL B 219 26.77 -20.52 29.72
CA VAL B 219 26.85 -21.86 29.12
C VAL B 219 28.17 -22.08 28.36
N SER B 220 28.72 -23.30 28.46
CA SER B 220 29.96 -23.67 27.79
C SER B 220 29.75 -24.62 26.59
N LEU B 221 30.76 -24.68 25.73
CA LEU B 221 30.71 -25.51 24.53
C LEU B 221 30.39 -26.94 24.90
N ASP B 222 31.11 -27.48 25.90
CA ASP B 222 30.87 -28.84 26.40
C ASP B 222 29.52 -28.98 27.12
N GLU B 223 29.16 -28.04 28.01
CA GLU B 223 27.89 -28.16 28.76
C GLU B 223 26.73 -28.54 27.86
N VAL B 224 26.78 -28.01 26.63
CA VAL B 224 25.66 -28.02 25.70
C VAL B 224 25.68 -29.22 24.74
N LEU B 225 26.84 -29.83 24.55
CA LEU B 225 27.00 -31.04 23.73
C LEU B 225 27.16 -32.34 24.55
N ASP B 226 27.45 -32.22 25.84
CA ASP B 226 27.83 -33.39 26.67
C ASP B 226 26.58 -34.18 27.07
N ALA B 227 26.58 -35.47 26.72
CA ALA B 227 25.42 -36.36 26.90
C ALA B 227 24.81 -36.34 28.30
N ASP B 228 25.64 -36.02 29.28
CA ASP B 228 25.27 -36.05 30.70
C ASP B 228 24.62 -34.77 31.19
N LYS B 229 25.03 -33.66 30.61
CA LYS B 229 24.68 -32.34 31.14
C LYS B 229 23.76 -31.54 30.24
N TYR B 230 23.56 -31.97 28.99
CA TYR B 230 22.96 -31.09 27.98
C TYR B 230 21.49 -30.81 28.20
N VAL B 231 20.75 -31.80 28.70
CA VAL B 231 19.34 -31.60 28.91
C VAL B 231 19.14 -30.51 29.96
N GLN B 232 19.91 -30.56 31.04
CA GLN B 232 19.84 -29.52 32.09
C GLN B 232 20.37 -28.18 31.56
N ALA B 233 21.42 -28.28 30.75
CA ALA B 233 22.02 -27.10 30.16
C ALA B 233 20.98 -26.39 29.28
N TRP B 234 20.32 -27.17 28.41
CA TRP B 234 19.30 -26.63 27.53
C TRP B 234 18.15 -26.03 28.34
N ASN B 235 17.71 -26.77 29.35
CA ASN B 235 16.59 -26.33 30.18
C ASN B 235 16.85 -25.01 30.90
N SER B 236 18.09 -24.75 31.32
CA SER B 236 18.37 -23.49 32.01
C SER B 236 18.33 -22.33 31.02
N ILE B 237 18.73 -22.59 29.78
CA ILE B 237 18.66 -21.57 28.75
C ILE B 237 17.20 -21.22 28.47
N MET B 238 16.39 -22.23 28.19
CA MET B 238 14.95 -21.99 28.01
C MET B 238 14.43 -21.16 29.20
N ALA B 239 14.74 -21.60 30.42
CA ALA B 239 14.24 -20.91 31.61
C ALA B 239 14.63 -19.42 31.62
N ASN B 240 15.89 -19.12 31.32
CA ASN B 240 16.34 -17.72 31.24
C ASN B 240 15.55 -16.88 30.21
N VAL B 241 15.30 -17.46 29.03
CA VAL B 241 14.52 -16.77 28.01
C VAL B 241 13.08 -16.57 28.46
N TYR B 242 12.44 -17.66 28.91
CA TYR B 242 11.06 -17.55 29.42
C TYR B 242 10.94 -16.47 30.49
N GLU B 243 11.81 -16.53 31.49
CA GLU B 243 11.77 -15.55 32.58
C GLU B 243 12.04 -14.13 32.04
N ALA B 244 12.93 -13.98 31.07
CA ALA B 244 13.20 -12.65 30.49
C ALA B 244 11.93 -12.03 29.92
N PHE B 245 11.10 -12.84 29.25
CA PHE B 245 9.84 -12.38 28.63
C PHE B 245 8.61 -12.58 29.53
N GLN B 246 8.85 -12.87 30.81
CA GLN B 246 7.79 -13.03 31.84
C GLN B 246 6.68 -14.03 31.49
N ILE B 247 7.06 -15.14 30.88
CA ILE B 247 6.09 -16.15 30.47
C ILE B 247 5.73 -17.05 31.65
N LYS B 248 4.44 -17.16 31.94
CA LYS B 248 3.97 -18.02 33.03
C LYS B 248 4.41 -19.47 32.82
N GLU B 249 4.53 -20.19 33.94
CA GLU B 249 5.03 -21.58 34.00
C GLU B 249 4.20 -22.55 33.18
N SER B 250 2.88 -22.37 33.20
CA SER B 250 1.96 -23.27 32.50
C SER B 250 2.12 -23.22 30.98
N ASP B 251 2.69 -22.12 30.47
CA ASP B 251 2.93 -21.98 29.04
C ASP B 251 4.31 -22.47 28.61
N ARG B 252 5.19 -22.72 29.57
CA ARG B 252 6.55 -23.17 29.26
C ARG B 252 6.62 -24.66 28.91
N LYS B 253 7.67 -25.04 28.19
CA LYS B 253 8.02 -26.45 27.98
C LYS B 253 9.50 -26.64 28.23
N ASP B 254 9.87 -27.80 28.78
CA ASP B 254 11.25 -28.20 28.98
C ASP B 254 11.70 -29.08 27.81
N ALA B 255 13.00 -29.26 27.63
CA ALA B 255 13.49 -30.13 26.56
C ALA B 255 12.80 -31.51 26.55
N GLU B 256 12.65 -32.14 27.73
CA GLU B 256 12.15 -33.52 27.74
C GLU B 256 10.71 -33.61 27.22
N ARG B 257 9.90 -32.58 27.45
CA ARG B 257 8.56 -32.48 26.85
C ARG B 257 8.63 -32.44 25.30
N TRP B 258 9.56 -31.68 24.75
CA TRP B 258 9.71 -31.63 23.29
C TRP B 258 10.13 -33.00 22.75
N PHE B 259 11.04 -33.68 23.44
CA PHE B 259 11.41 -35.03 23.03
C PHE B 259 10.22 -35.99 23.09
N ALA B 260 9.39 -35.88 24.13
CA ALA B 260 8.23 -36.75 24.27
C ALA B 260 7.23 -36.50 23.14
N LEU B 261 6.89 -35.25 22.90
CA LEU B 261 5.92 -34.93 21.84
C LEU B 261 6.46 -35.44 20.50
N ALA B 262 7.76 -35.28 20.28
CA ALA B 262 8.40 -35.78 19.06
C ALA B 262 8.21 -37.27 18.92
N LYS B 263 8.41 -38.00 20.02
CA LYS B 263 8.29 -39.43 20.01
C LYS B 263 6.86 -39.90 19.77
N GLU B 264 5.87 -39.28 20.42
CA GLU B 264 4.48 -39.73 20.20
C GLU B 264 4.01 -39.44 18.78
N ASN B 265 4.49 -38.34 18.19
CA ASN B 265 4.23 -38.07 16.79
C ASN B 265 4.86 -39.14 15.88
N ARG B 266 6.00 -39.67 16.31
CA ARG B 266 6.65 -40.79 15.62
C ARG B 266 5.79 -42.06 15.57
N LEU B 267 4.51 -41.96 15.96
CA LEU B 267 3.54 -43.05 15.78
C LEU B 267 2.35 -42.59 14.91
N ASN C 11 -2.02 4.20 24.05
CA ASN C 11 -2.43 5.19 23.00
C ASN C 11 -2.12 6.63 23.49
N ILE C 12 -2.92 7.62 23.05
CA ILE C 12 -2.83 8.98 23.57
C ILE C 12 -3.27 9.02 25.02
N PRO C 13 -2.59 9.81 25.87
CA PRO C 13 -3.16 10.10 27.16
C PRO C 13 -4.36 11.01 27.01
N GLY C 14 -5.34 10.85 27.90
CA GLY C 14 -6.54 11.68 27.85
C GLY C 14 -6.24 13.17 28.04
N ALA C 15 -5.25 13.48 28.89
CA ALA C 15 -4.87 14.89 29.13
C ALA C 15 -4.33 15.57 27.87
N ILE C 16 -3.62 14.82 27.03
CA ILE C 16 -3.17 15.38 25.77
C ILE C 16 -4.36 15.61 24.80
N LEU C 17 -5.26 14.65 24.68
CA LEU C 17 -6.47 14.86 23.85
C LEU C 17 -7.14 16.17 24.25
N HIS C 18 -7.28 16.40 25.54
CA HIS C 18 -7.90 17.63 26.05
C HIS C 18 -7.16 18.90 25.60
N SER C 19 -5.83 18.83 25.59
CA SER C 19 -5.01 19.93 25.09
C SER C 19 -5.09 20.11 23.56
N LEU C 20 -5.16 19.00 22.82
CA LEU C 20 -5.41 19.10 21.36
C LEU C 20 -6.71 19.83 21.07
N ALA C 21 -7.71 19.63 21.91
CA ALA C 21 -9.01 20.28 21.70
C ALA C 21 -8.91 21.80 21.81
N GLU C 22 -7.98 22.28 22.63
CA GLU C 22 -7.77 23.71 22.77
C GLU C 22 -7.11 24.31 21.52
N LEU C 23 -6.16 23.61 20.92
CA LEU C 23 -5.62 24.09 19.64
C LEU C 23 -6.70 24.08 18.56
N GLN C 24 -7.61 23.11 18.62
CA GLN C 24 -8.64 22.96 17.57
C GLN C 24 -9.63 24.10 17.73
N ASP C 25 -9.93 24.40 18.99
CA ASP C 25 -10.80 25.53 19.37
C ASP C 25 -10.23 26.84 18.85
N GLY C 26 -8.91 26.98 18.93
CA GLY C 26 -8.24 28.19 18.48
C GLY C 26 -8.30 28.35 16.99
N LEU C 27 -8.01 27.27 16.28
CA LEU C 27 -8.12 27.27 14.83
C LEU C 27 -9.53 27.59 14.38
N ASN C 28 -10.53 27.04 15.07
CA ASN C 28 -11.92 27.27 14.68
C ASN C 28 -12.33 28.73 14.88
N ALA C 29 -11.87 29.34 15.96
CA ALA C 29 -12.10 30.78 16.24
C ALA C 29 -11.44 31.69 15.20
N MET C 30 -10.34 31.24 14.64
CA MET C 30 -9.65 31.96 13.57
C MET C 30 -10.55 32.04 12.33
N ILE C 31 -11.25 30.94 12.03
CA ILE C 31 -12.17 30.90 10.90
C ILE C 31 -13.44 31.71 11.15
N ASP C 32 -14.04 31.56 12.33
CA ASP C 32 -15.15 32.42 12.80
C ASP C 32 -15.09 32.56 14.33
N PRO C 33 -15.03 33.82 14.83
CA PRO C 33 -14.87 34.05 16.27
C PRO C 33 -15.84 33.27 17.18
N SER C 34 -17.13 33.26 16.86
CA SER C 34 -18.08 32.53 17.68
C SER C 34 -18.50 31.29 16.89
N TRP C 35 -17.57 30.38 16.72
CA TRP C 35 -17.81 29.24 15.85
C TRP C 35 -18.86 28.30 16.43
N ARG C 36 -18.87 28.13 17.74
CA ARG C 36 -19.90 27.29 18.35
C ARG C 36 -21.30 27.78 17.99
N ALA C 37 -21.47 29.09 17.93
CA ALA C 37 -22.76 29.71 17.66
C ALA C 37 -23.14 29.61 16.18
N VAL C 38 -22.12 29.65 15.30
CA VAL C 38 -22.33 29.71 13.85
C VAL C 38 -22.41 28.30 13.27
N ARG C 39 -21.55 27.41 13.77
CA ARG C 39 -21.50 26.03 13.27
C ARG C 39 -22.61 25.19 13.89
N SER C 40 -22.98 24.11 13.20
CA SER C 40 -23.98 23.15 13.66
C SER C 40 -23.34 21.77 13.79
N LEU C 41 -23.99 20.88 14.52
CA LEU C 41 -23.51 19.50 14.64
C LEU C 41 -23.44 18.80 13.26
N ASP C 42 -24.45 19.03 12.43
CA ASP C 42 -24.51 18.47 11.07
C ASP C 42 -23.34 18.94 10.20
N ASN C 43 -22.90 20.18 10.37
CA ASN C 43 -21.72 20.64 9.62
C ASN C 43 -20.53 19.68 9.83
N TRP C 44 -20.26 19.33 11.08
CA TRP C 44 -19.09 18.51 11.39
C TRP C 44 -19.29 17.09 10.88
N ALA C 45 -20.52 16.58 11.05
CA ALA C 45 -20.89 15.25 10.57
C ALA C 45 -20.70 15.16 9.06
N LEU C 46 -21.19 16.19 8.35
CA LEU C 46 -21.01 16.30 6.91
C LEU C 46 -19.54 16.33 6.52
N ALA C 47 -18.76 17.19 7.18
CA ALA C 47 -17.33 17.28 6.85
C ALA C 47 -16.63 15.91 6.93
N ILE C 48 -17.00 15.15 7.96
CA ILE C 48 -16.36 13.85 8.19
C ILE C 48 -16.80 12.89 7.08
N THR C 49 -18.06 12.99 6.66
CA THR C 49 -18.57 12.16 5.57
C THR C 49 -17.73 12.44 4.32
N MET C 50 -17.61 13.72 3.97
CA MET C 50 -16.87 14.14 2.78
C MET C 50 -15.41 13.72 2.83
N GLU C 51 -14.73 13.93 3.97
CA GLU C 51 -13.33 13.50 4.08
C GLU C 51 -13.21 12.00 4.10
N SER C 52 -14.21 11.29 4.63
CA SER C 52 -14.19 9.80 4.61
C SER C 52 -14.18 9.23 3.18
N THR C 53 -14.93 9.86 2.29
CA THR C 53 -14.90 9.41 0.89
C THR C 53 -13.63 9.88 0.21
N GLU C 54 -13.12 11.04 0.60
CA GLU C 54 -11.82 11.48 0.05
C GLU C 54 -10.74 10.51 0.41
N LEU C 55 -10.85 9.94 1.60
CA LEU C 55 -9.83 9.00 2.06
C LEU C 55 -9.97 7.71 1.26
N LEU C 56 -11.20 7.24 1.07
CA LEU C 56 -11.39 6.00 0.31
C LEU C 56 -10.98 6.17 -1.14
N ASP C 57 -11.09 7.39 -1.66
CA ASP C 57 -10.69 7.67 -3.04
C ASP C 57 -9.20 7.62 -3.24
N SER C 58 -8.45 7.53 -2.15
CA SER C 58 -7.01 7.25 -2.19
C SER C 58 -6.67 5.78 -2.45
N TYR C 59 -7.66 4.90 -2.35
CA TYR C 59 -7.45 3.48 -2.61
C TYR C 59 -7.96 3.12 -4.02
N PRO C 60 -7.46 2.03 -4.61
CA PRO C 60 -8.00 1.65 -5.92
C PRO C 60 -9.33 0.89 -5.79
N TRP C 61 -10.38 1.59 -5.40
CA TRP C 61 -11.67 0.96 -5.17
C TRP C 61 -12.48 0.68 -6.45
N LYS C 62 -12.13 1.34 -7.54
CA LYS C 62 -12.94 1.27 -8.76
C LYS C 62 -12.54 0.02 -9.57
N TRP C 63 -13.53 -0.78 -9.97
CA TRP C 63 -13.30 -2.01 -10.74
C TRP C 63 -13.41 -1.82 -12.26
N TRP C 64 -13.64 -0.59 -12.70
CA TRP C 64 -13.83 -0.30 -14.13
C TRP C 64 -12.75 0.60 -14.71
N LYS C 65 -11.77 0.96 -13.89
CA LYS C 65 -10.82 2.05 -14.17
C LYS C 65 -9.55 1.85 -13.32
N ASN C 66 -8.38 2.11 -13.89
CA ASN C 66 -7.14 2.20 -13.11
C ASN C 66 -6.92 0.97 -12.25
N LEU C 67 -6.81 -0.18 -12.90
CA LEU C 67 -6.90 -1.44 -12.18
C LEU C 67 -5.60 -1.83 -11.49
N ASN C 68 -4.52 -1.15 -11.83
CA ASN C 68 -3.19 -1.44 -11.33
C ASN C 68 -2.73 -0.38 -10.35
N ALA C 69 -3.58 0.60 -10.03
CA ALA C 69 -3.15 1.63 -9.09
C ALA C 69 -2.97 1.04 -7.68
N THR C 70 -2.02 1.63 -6.96
CA THR C 70 -1.73 1.31 -5.57
C THR C 70 -2.31 2.37 -4.64
N PRO C 71 -2.63 1.98 -3.41
CA PRO C 71 -3.15 2.93 -2.44
C PRO C 71 -2.21 4.11 -2.22
N ASP C 72 -2.76 5.31 -2.07
CA ASP C 72 -1.97 6.51 -1.79
C ASP C 72 -2.02 6.72 -0.27
N LEU C 73 -1.15 6.04 0.44
CA LEU C 73 -1.16 6.05 1.91
C LEU C 73 -0.61 7.38 2.47
N ALA C 74 0.27 8.05 1.73
CA ALA C 74 0.67 9.41 2.08
C ALA C 74 -0.59 10.25 2.25
N ASN C 75 -1.50 10.21 1.27
CA ASN C 75 -2.74 11.00 1.35
C ASN C 75 -3.71 10.53 2.43
N VAL C 76 -3.73 9.23 2.70
CA VAL C 76 -4.58 8.69 3.75
C VAL C 76 -4.19 9.26 5.13
N ARG C 77 -2.89 9.48 5.39
CA ARG C 77 -2.48 10.06 6.68
C ARG C 77 -3.12 11.42 6.85
N ILE C 78 -3.00 12.24 5.82
CA ILE C 78 -3.50 13.60 5.85
C ILE C 78 -5.00 13.65 6.05
N GLU C 79 -5.72 12.77 5.36
CA GLU C 79 -7.17 12.73 5.46
C GLU C 79 -7.62 12.26 6.82
N LEU C 80 -6.91 11.30 7.39
CA LEU C 80 -7.24 10.84 8.73
C LEU C 80 -7.07 12.02 9.72
N VAL C 81 -6.04 12.83 9.51
CA VAL C 81 -5.78 14.01 10.34
C VAL C 81 -6.88 15.04 10.14
N ASP C 82 -7.36 15.18 8.90
CA ASP C 82 -8.45 16.10 8.63
C ASP C 82 -9.73 15.66 9.35
N ILE C 83 -10.05 14.38 9.26
CA ILE C 83 -11.23 13.83 9.97
C ILE C 83 -11.08 14.04 11.47
N PHE C 84 -9.86 13.87 11.96
CA PHE C 84 -9.56 14.16 13.36
C PHE C 84 -9.92 15.60 13.75
N HIS C 85 -9.53 16.59 12.95
CA HIS C 85 -9.91 18.01 13.21
C HIS C 85 -11.41 18.19 13.35
N PHE C 86 -12.15 17.55 12.44
CA PHE C 86 -13.59 17.75 12.38
C PHE C 86 -14.23 17.00 13.52
N SER C 87 -13.67 15.86 13.86
CA SER C 87 -14.21 15.07 14.95
C SER C 87 -13.95 15.76 16.30
N LEU C 88 -12.76 16.32 16.50
CA LEU C 88 -12.51 17.10 17.74
C LEU C 88 -13.52 18.24 17.82
N SER C 89 -13.76 18.90 16.68
CA SER C 89 -14.74 19.99 16.62
C SER C 89 -16.13 19.50 16.97
N GLY C 90 -16.52 18.34 16.46
CA GLY C 90 -17.86 17.82 16.74
C GLY C 90 -18.06 17.50 18.21
N ALA C 91 -17.06 16.82 18.79
CA ALA C 91 -17.04 16.53 20.24
C ALA C 91 -17.29 17.76 21.07
N MET C 92 -16.57 18.82 20.74
CA MET C 92 -16.67 20.08 21.49
C MET C 92 -18.07 20.65 21.30
N GLN C 93 -18.53 20.69 20.05
CA GLN C 93 -19.85 21.21 19.76
C GLN C 93 -20.93 20.45 20.53
N MET C 94 -20.81 19.13 20.64
CA MET C 94 -21.76 18.38 21.48
C MET C 94 -21.70 18.88 22.93
N ARG C 95 -20.49 19.09 23.46
CA ARG C 95 -20.38 19.55 24.87
C ARG C 95 -20.96 20.96 25.10
N SER C 96 -20.96 21.79 24.05
CA SER C 96 -21.55 23.14 24.15
C SER C 96 -23.01 23.20 23.68
N THR C 97 -23.58 22.06 23.30
CA THR C 97 -24.97 22.02 22.84
C THR C 97 -25.90 21.72 24.01
N PRO C 98 -26.91 22.59 24.25
CA PRO C 98 -27.83 22.35 25.37
C PRO C 98 -28.52 20.98 25.27
N ASP C 99 -28.80 20.38 26.42
CA ASP C 99 -29.30 19.01 26.48
C ASP C 99 -30.58 18.78 25.71
N ASP C 100 -31.52 19.73 25.74
CA ASP C 100 -32.78 19.58 24.98
C ASP C 100 -32.65 19.90 23.49
N GLU C 101 -31.43 20.17 23.02
CA GLU C 101 -31.13 20.31 21.59
C GLU C 101 -30.16 19.22 21.11
N ILE C 102 -29.89 18.24 21.98
CA ILE C 102 -29.01 17.11 21.65
C ILE C 102 -29.79 16.07 20.85
N PRO C 103 -29.31 15.69 19.65
CA PRO C 103 -29.99 14.71 18.81
C PRO C 103 -30.12 13.35 19.46
N ALA C 104 -31.32 12.78 19.43
CA ALA C 104 -31.63 11.54 20.10
C ALA C 104 -30.74 10.39 19.63
N ALA C 105 -30.43 10.37 18.34
CA ALA C 105 -29.51 9.39 17.79
C ALA C 105 -28.24 9.22 18.63
N SER C 106 -27.72 10.32 19.18
CA SER C 106 -26.44 10.29 19.89
C SER C 106 -26.53 9.53 21.22
N LEU C 107 -27.72 9.40 21.76
CA LEU C 107 -27.93 8.77 23.06
C LEU C 107 -28.36 7.31 22.97
N LYS C 108 -28.49 6.78 21.76
CA LYS C 108 -28.93 5.41 21.60
C LYS C 108 -27.74 4.47 21.53
N PRO C 109 -27.91 3.22 21.96
CA PRO C 109 -26.88 2.18 21.81
C PRO C 109 -26.35 2.10 20.38
N LEU C 110 -25.05 1.91 20.21
CA LEU C 110 -24.49 1.87 18.87
C LEU C 110 -25.19 0.86 17.93
N LYS C 111 -25.57 -0.32 18.45
CA LYS C 111 -26.23 -1.34 17.63
C LYS C 111 -27.47 -0.76 16.93
N GLU C 112 -28.15 0.16 17.59
CA GLU C 112 -29.38 0.75 17.05
C GLU C 112 -29.19 1.82 15.97
N VAL C 113 -27.99 2.34 15.77
CA VAL C 113 -27.81 3.44 14.80
C VAL C 113 -26.86 3.12 13.68
N MET C 114 -26.38 1.89 13.64
CA MET C 114 -25.62 1.49 12.51
C MET C 114 -25.69 0.04 12.10
N THR C 115 -25.28 -0.17 10.87
CA THR C 115 -25.06 -1.48 10.35
C THR C 115 -23.57 -1.58 10.21
N THR C 116 -23.01 -2.53 10.93
CA THR C 116 -21.58 -2.68 10.93
C THR C 116 -21.20 -3.51 9.75
N PHE C 117 -20.53 -2.86 8.81
CA PHE C 117 -20.00 -3.53 7.65
C PHE C 117 -18.69 -4.19 8.04
N LEU C 118 -18.51 -5.42 7.54
CA LEU C 118 -17.40 -6.30 7.81
C LEU C 118 -16.76 -6.67 6.49
N PRO C 119 -15.42 -6.69 6.42
CA PRO C 119 -14.77 -7.23 5.23
C PRO C 119 -15.08 -8.71 5.07
N ALA C 120 -14.91 -9.25 3.87
CA ALA C 120 -15.18 -10.66 3.64
C ALA C 120 -14.00 -11.47 4.16
N LYS C 121 -12.79 -10.99 3.94
CA LYS C 121 -11.62 -11.79 4.29
C LYS C 121 -11.30 -11.65 5.78
N GLU C 122 -10.36 -12.49 6.23
CA GLU C 122 -9.93 -12.53 7.63
C GLU C 122 -9.13 -11.28 7.95
N CYS C 123 -9.48 -10.64 9.05
CA CYS C 123 -8.75 -9.46 9.51
C CYS C 123 -8.87 -9.34 11.02
N THR C 124 -8.23 -8.34 11.58
CA THR C 124 -8.43 -7.95 12.96
C THR C 124 -9.10 -6.59 12.93
N SER C 125 -9.55 -6.11 14.09
CA SER C 125 -10.26 -4.84 14.18
C SER C 125 -9.88 -4.06 15.42
N ASP C 126 -10.38 -2.83 15.50
CA ASP C 126 -10.28 -2.03 16.70
C ASP C 126 -11.16 -2.64 17.78
N PRO C 127 -11.08 -2.13 19.02
CA PRO C 127 -11.91 -2.65 20.10
C PRO C 127 -13.41 -2.66 19.82
N TYR C 128 -13.93 -1.68 19.07
CA TYR C 128 -15.39 -1.63 18.81
C TYR C 128 -15.80 -2.55 17.68
N GLY C 129 -14.85 -2.96 16.86
CA GLY C 129 -15.16 -3.78 15.68
C GLY C 129 -15.69 -2.95 14.52
N PHE C 130 -15.21 -1.70 14.40
CA PHE C 130 -15.66 -0.74 13.40
C PHE C 130 -14.63 -0.49 12.33
N VAL C 131 -13.37 -0.70 12.67
CA VAL C 131 -12.27 -0.44 11.77
C VAL C 131 -11.41 -1.69 11.70
N PHE C 132 -10.86 -1.97 10.53
CA PHE C 132 -10.30 -3.28 10.19
C PHE C 132 -8.87 -3.16 9.69
N PHE C 133 -8.02 -4.10 10.10
CA PHE C 133 -6.60 -4.05 9.77
C PHE C 133 -6.15 -5.30 9.05
N PRO C 134 -5.12 -5.19 8.22
CA PRO C 134 -4.33 -3.98 7.95
C PRO C 134 -5.06 -3.00 7.03
N LEU C 135 -4.90 -1.70 7.26
CA LEU C 135 -5.52 -0.68 6.44
C LEU C 135 -4.81 -0.42 5.10
N THR C 136 -3.77 -1.18 4.81
CA THR C 136 -3.20 -1.24 3.49
C THR C 136 -4.13 -1.98 2.51
N ASP C 137 -5.20 -2.58 3.02
CA ASP C 137 -6.08 -3.40 2.21
C ASP C 137 -7.33 -2.56 1.87
N THR C 138 -7.66 -2.50 0.59
CA THR C 138 -8.78 -1.69 0.11
C THR C 138 -10.10 -2.05 0.78
N GLN C 139 -10.45 -3.33 0.81
CA GLN C 139 -11.72 -3.72 1.41
C GLN C 139 -11.75 -3.47 2.90
N ASN C 140 -10.63 -3.62 3.61
CA ASN C 140 -10.67 -3.24 5.04
C ASN C 140 -10.97 -1.77 5.21
N ALA C 141 -10.31 -0.95 4.40
CA ALA C 141 -10.52 0.52 4.47
C ALA C 141 -11.98 0.84 4.18
N ILE C 142 -12.50 0.25 3.11
CA ILE C 142 -13.83 0.56 2.68
C ILE C 142 -14.78 0.28 3.81
N ALA C 143 -14.73 -0.91 4.38
CA ALA C 143 -15.70 -1.22 5.42
C ALA C 143 -15.50 -0.32 6.62
N SER C 144 -14.23 0.01 6.90
CA SER C 144 -13.93 0.86 8.07
C SER C 144 -14.62 2.19 7.92
N PHE C 145 -14.48 2.79 6.74
CA PHE C 145 -14.96 4.18 6.58
C PHE C 145 -16.42 4.29 6.21
N ARG C 146 -17.01 3.22 5.68
CA ARG C 146 -18.49 3.17 5.67
C ARG C 146 -19.00 3.11 7.11
N ASN C 147 -18.24 2.55 8.04
CA ASN C 147 -18.71 2.55 9.43
C ASN C 147 -18.55 3.93 10.07
N ILE C 148 -17.43 4.58 9.77
CA ILE C 148 -17.16 5.90 10.33
C ILE C 148 -18.28 6.86 9.92
N ILE C 149 -18.64 6.84 8.66
CA ILE C 149 -19.76 7.68 8.16
C ILE C 149 -21.02 7.49 8.98
N GLN C 150 -21.39 6.25 9.31
CA GLN C 150 -22.64 6.09 10.13
C GLN C 150 -22.46 6.61 11.56
N LEU C 151 -21.25 6.47 12.12
CA LEU C 151 -20.97 7.04 13.44
C LEU C 151 -21.17 8.57 13.35
N ALA C 152 -20.65 9.16 12.28
CA ALA C 152 -20.90 10.59 12.05
C ALA C 152 -22.38 10.91 12.00
N ASN C 153 -23.17 10.09 11.30
CA ASN C 153 -24.61 10.34 11.25
C ASN C 153 -25.27 10.30 12.60
N ALA C 154 -24.77 9.47 13.53
CA ALA C 154 -25.35 9.41 14.90
C ALA C 154 -24.59 10.32 15.87
N TYR C 155 -23.80 11.21 15.30
CA TYR C 155 -23.07 12.21 16.05
C TYR C 155 -22.11 11.60 17.09
N ARG C 156 -21.47 10.48 16.78
CA ARG C 156 -20.60 9.82 17.76
C ARG C 156 -19.14 10.19 17.51
N PHE C 157 -18.85 11.47 17.63
CA PHE C 157 -17.52 12.00 17.31
C PHE C 157 -16.44 11.38 18.24
N ASP C 158 -16.81 11.22 19.50
CA ASP C 158 -16.09 10.46 20.51
C ASP C 158 -15.55 9.14 19.98
N VAL C 159 -16.45 8.29 19.51
CA VAL C 159 -16.06 6.98 19.03
C VAL C 159 -15.20 7.10 17.81
N ILE C 160 -15.54 8.02 16.92
CA ILE C 160 -14.69 8.24 15.73
C ILE C 160 -13.22 8.59 16.15
N ILE C 161 -13.05 9.48 17.11
CA ILE C 161 -11.67 9.84 17.56
C ILE C 161 -10.93 8.58 17.92
N GLU C 162 -11.57 7.73 18.71
CA GLU C 162 -10.96 6.45 19.07
C GLU C 162 -10.60 5.57 17.92
N CYS C 163 -11.53 5.40 16.97
CA CYS C 163 -11.23 4.57 15.81
C CYS C 163 -10.05 5.14 15.03
N ILE C 164 -10.04 6.46 14.83
CA ILE C 164 -8.96 7.09 14.04
C ILE C 164 -7.58 6.81 14.71
N ILE C 165 -7.55 6.81 16.04
CA ILE C 165 -6.32 6.55 16.79
C ILE C 165 -5.85 5.15 16.48
N TYR C 166 -6.77 4.20 16.42
CA TYR C 166 -6.36 2.83 16.11
C TYR C 166 -5.91 2.70 14.68
N ALA C 167 -6.50 3.51 13.80
CA ALA C 167 -6.16 3.46 12.38
C ALA C 167 -4.74 4.00 12.15
N ALA C 168 -4.45 5.14 12.76
CA ALA C 168 -3.08 5.72 12.71
C ALA C 168 -2.02 4.75 13.17
N GLU C 169 -2.31 4.03 14.25
CA GLU C 169 -1.35 3.08 14.80
C GLU C 169 -1.13 1.96 13.82
N ASP C 170 -2.22 1.46 13.23
CA ASP C 170 -2.09 0.37 12.26
C ASP C 170 -1.27 0.81 11.05
N LEU C 171 -1.50 2.04 10.61
CA LEU C 171 -0.79 2.61 9.46
C LEU C 171 0.67 3.09 9.79
N GLY C 172 1.01 3.18 11.07
CA GLY C 172 2.44 3.36 11.46
C GLY C 172 2.85 4.82 11.43
N PHE C 173 1.95 5.70 11.81
CA PHE C 173 2.35 7.07 11.92
C PHE C 173 1.80 7.60 13.20
N ASN C 174 2.38 8.72 13.62
CA ASN C 174 2.01 9.34 14.88
C ASN C 174 0.95 10.39 14.60
N LEU C 175 -0.28 10.10 15.03
CA LEU C 175 -1.44 10.94 14.72
C LEU C 175 -1.32 12.34 15.27
N VAL C 176 -0.82 12.44 16.50
CA VAL C 176 -0.76 13.72 17.15
C VAL C 176 0.26 14.60 16.44
N ALA C 177 1.41 14.03 16.11
CA ALA C 177 2.42 14.79 15.39
C ALA C 177 1.83 15.31 14.08
N TYR C 178 1.24 14.43 13.29
CA TYR C 178 0.64 14.84 11.99
C TYR C 178 -0.45 15.87 12.18
N TYR C 179 -1.27 15.71 13.21
CA TYR C 179 -2.24 16.72 13.54
C TYR C 179 -1.63 18.11 13.71
N ILE C 180 -0.57 18.20 14.51
CA ILE C 180 0.06 19.49 14.78
C ILE C 180 0.53 20.12 13.47
N ALA C 181 1.11 19.29 12.60
CA ALA C 181 1.65 19.74 11.33
C ALA C 181 0.53 20.28 10.45
N LYS C 182 -0.57 19.54 10.33
CA LYS C 182 -1.68 19.99 9.48
C LYS C 182 -2.41 21.19 10.09
N HIS C 183 -2.55 21.20 11.42
CA HIS C 183 -3.05 22.38 12.14
C HIS C 183 -2.25 23.64 11.79
N THR C 184 -0.92 23.50 11.70
CA THR C 184 -0.07 24.64 11.38
C THR C 184 -0.34 25.08 9.96
N LEU C 185 -0.41 24.14 9.03
CA LEU C 185 -0.70 24.48 7.65
C LEU C 185 -2.08 25.14 7.57
N ASN C 186 -3.05 24.69 8.37
CA ASN C 186 -4.39 25.27 8.33
C ASN C 186 -4.37 26.75 8.70
N CYS C 187 -3.51 27.10 9.65
CA CYS C 187 -3.32 28.50 10.03
C CYS C 187 -2.61 29.26 8.92
N ILE C 188 -1.57 28.68 8.36
CA ILE C 188 -0.85 29.35 7.28
C ILE C 188 -1.84 29.73 6.18
N ARG C 189 -2.69 28.77 5.81
CA ARG C 189 -3.69 28.97 4.79
C ARG C 189 -4.58 30.16 5.09
N GLN C 190 -5.22 30.13 6.26
CA GLN C 190 -6.07 31.23 6.67
C GLN C 190 -5.29 32.55 6.73
N LEU C 191 -4.02 32.49 7.08
CA LEU C 191 -3.16 33.69 7.07
C LEU C 191 -2.96 34.25 5.67
N SER C 192 -2.96 33.37 4.66
CA SER C 192 -2.68 33.76 3.28
C SER C 192 -3.93 34.04 2.43
N GLY C 193 -5.12 34.04 3.04
CA GLY C 193 -6.38 34.26 2.33
C GLY C 193 -6.89 33.03 1.60
N TYR C 194 -7.31 32.02 2.37
CA TYR C 194 -7.93 30.80 1.84
C TYR C 194 -9.42 31.05 1.64
N LYS C 195 -10.02 31.79 2.57
CA LYS C 195 -11.42 32.20 2.48
C LYS C 195 -11.74 32.97 1.19
N ASP C 196 -10.87 33.90 0.82
CA ASP C 196 -10.92 34.50 -0.53
C ASP C 196 -9.97 33.70 -1.42
N GLY C 197 -9.88 34.05 -2.69
CA GLY C 197 -9.16 33.19 -3.65
C GLY C 197 -7.65 33.18 -3.60
N SER C 198 -7.05 34.04 -2.79
CA SER C 198 -5.60 34.27 -2.82
C SER C 198 -4.79 32.99 -2.80
N TYR C 199 -4.91 32.23 -1.73
CA TYR C 199 -4.08 31.05 -1.51
C TYR C 199 -4.48 29.88 -2.42
N VAL C 200 -3.53 29.43 -3.23
CA VAL C 200 -3.71 28.23 -4.05
C VAL C 200 -3.12 27.00 -3.33
N LYS C 201 -3.92 25.95 -3.22
CA LYS C 201 -3.52 24.73 -2.48
C LYS C 201 -2.38 23.97 -3.16
N VAL C 202 -2.26 24.05 -4.49
CA VAL C 202 -1.11 23.46 -5.20
C VAL C 202 -0.28 24.53 -5.93
N ASN C 203 1.05 24.35 -5.94
CA ASN C 203 1.97 25.33 -6.51
C ASN C 203 3.30 24.68 -6.95
N ASN C 204 3.63 24.82 -8.23
CA ASN C 204 4.85 24.25 -8.82
C ASN C 204 4.92 22.72 -8.68
N GLY C 205 3.81 22.06 -9.01
CA GLY C 205 3.75 20.60 -9.05
C GLY C 205 3.32 19.90 -7.78
N VAL C 206 3.63 20.48 -6.62
CA VAL C 206 3.38 19.80 -5.33
C VAL C 206 2.25 20.48 -4.53
N GLU C 207 1.31 19.66 -4.05
CA GLU C 207 0.19 20.13 -3.21
C GLU C 207 0.68 20.34 -1.78
N ASP C 208 0.16 21.35 -1.10
CA ASP C 208 0.75 21.83 0.16
C ASP C 208 0.85 20.71 1.22
N ASN C 209 -0.22 19.94 1.36
CA ASN C 209 -0.27 18.77 2.24
C ASN C 209 0.92 17.83 2.06
N SER C 210 1.37 17.65 0.84
CA SER C 210 2.44 16.71 0.58
C SER C 210 3.79 17.12 1.24
N LEU C 211 3.98 18.40 1.56
CA LEU C 211 5.23 18.88 2.20
C LEU C 211 5.26 18.61 3.70
N LEU C 212 4.11 18.29 4.25
CA LEU C 212 4.01 17.98 5.68
C LEU C 212 4.79 16.72 6.09
N HIS C 213 4.93 15.76 5.20
CA HIS C 213 5.63 14.52 5.52
C HIS C 213 7.10 14.74 5.85
N ASN C 214 7.77 15.56 5.04
CA ASN C 214 9.19 15.79 5.19
C ASN C 214 9.40 16.55 6.47
N CYS C 215 8.41 17.37 6.86
CA CYS C 215 8.46 18.09 8.12
C CYS C 215 8.43 17.15 9.32
N ILE C 216 7.57 16.14 9.27
CA ILE C 216 7.47 15.15 10.33
C ILE C 216 8.75 14.31 10.37
N LYS C 217 9.28 13.95 9.20
CA LYS C 217 10.50 13.14 9.10
C LYS C 217 11.68 13.80 9.76
N ASP C 218 11.68 15.12 9.71
CA ASP C 218 12.82 15.95 10.03
C ASP C 218 12.90 16.29 11.53
N VAL C 219 11.87 15.90 12.30
CA VAL C 219 11.68 16.32 13.69
C VAL C 219 11.69 15.13 14.66
N SER C 220 12.00 15.41 15.93
CA SER C 220 11.92 14.40 17.00
C SER C 220 10.52 14.31 17.59
N LEU C 221 10.02 13.09 17.73
CA LEU C 221 8.66 12.81 18.23
C LEU C 221 8.63 12.18 19.61
N ASP C 222 9.82 11.98 20.20
CA ASP C 222 9.96 11.38 21.53
C ASP C 222 8.95 11.96 22.53
N GLU C 223 8.78 13.29 22.51
CA GLU C 223 7.99 13.99 23.54
C GLU C 223 6.55 14.34 23.16
N VAL C 224 6.12 13.96 21.96
CA VAL C 224 4.84 14.45 21.45
C VAL C 224 3.64 14.03 22.32
N LEU C 225 3.78 12.90 23.00
CA LEU C 225 2.70 12.31 23.82
C LEU C 225 3.08 12.33 25.31
N ASP C 226 4.10 13.11 25.64
CA ASP C 226 4.63 13.18 26.97
C ASP C 226 3.92 14.31 27.72
N ALA C 227 3.29 13.95 28.85
CA ALA C 227 2.45 14.85 29.62
C ALA C 227 3.19 16.02 30.24
N ASP C 228 4.49 15.89 30.46
CA ASP C 228 5.31 17.00 30.97
C ASP C 228 5.77 17.82 29.79
N LYS C 229 6.21 17.15 28.71
CA LYS C 229 7.05 17.82 27.72
C LYS C 229 6.44 18.04 26.33
N TYR C 230 5.16 17.73 26.16
CA TYR C 230 4.53 17.87 24.85
C TYR C 230 4.57 19.26 24.24
N VAL C 231 4.43 20.30 25.06
CA VAL C 231 4.33 21.67 24.52
C VAL C 231 5.53 22.05 23.67
N GLN C 232 6.73 21.75 24.17
CA GLN C 232 7.95 22.04 23.44
C GLN C 232 8.03 21.18 22.20
N ALA C 233 7.62 19.91 22.33
CA ALA C 233 7.64 18.99 21.21
C ALA C 233 6.77 19.53 20.04
N TRP C 234 5.58 20.03 20.38
CA TRP C 234 4.64 20.56 19.36
C TRP C 234 5.15 21.85 18.73
N ASN C 235 5.73 22.74 19.54
CA ASN C 235 6.30 23.97 19.01
C ASN C 235 7.34 23.68 17.94
N SER C 236 8.13 22.62 18.15
CA SER C 236 9.17 22.28 17.19
C SER C 236 8.55 21.83 15.87
N ILE C 237 7.40 21.17 15.92
CA ILE C 237 6.72 20.77 14.68
C ILE C 237 6.15 22.00 13.98
N MET C 238 5.50 22.86 14.76
CA MET C 238 4.97 24.12 14.23
C MET C 238 6.06 24.90 13.53
N ALA C 239 7.20 25.06 14.17
CA ALA C 239 8.26 25.90 13.61
C ALA C 239 8.81 25.24 12.37
N ASN C 240 8.85 23.93 12.37
CA ASN C 240 9.40 23.21 11.24
C ASN C 240 8.53 23.43 10.00
N VAL C 241 7.22 23.38 10.20
CA VAL C 241 6.25 23.63 9.12
C VAL C 241 6.23 25.11 8.72
N TYR C 242 6.22 26.01 9.70
CA TYR C 242 6.25 27.43 9.40
C TYR C 242 7.47 27.74 8.54
N GLU C 243 8.60 27.13 8.88
CA GLU C 243 9.87 27.39 8.19
C GLU C 243 9.81 26.83 6.76
N ALA C 244 9.13 25.70 6.60
CA ALA C 244 8.99 25.08 5.30
C ALA C 244 8.18 25.94 4.35
N PHE C 245 7.20 26.67 4.89
CA PHE C 245 6.37 27.56 4.08
C PHE C 245 6.81 29.02 4.10
N GLN C 246 8.01 29.26 4.65
CA GLN C 246 8.66 30.56 4.61
C GLN C 246 7.80 31.67 5.23
N ILE C 247 7.19 31.34 6.37
CA ILE C 247 6.34 32.29 7.10
C ILE C 247 7.21 33.11 8.04
N LYS C 248 7.02 34.43 8.04
CA LYS C 248 7.80 35.32 8.91
C LYS C 248 7.49 35.02 10.38
N GLU C 249 8.49 35.19 11.25
CA GLU C 249 8.36 34.88 12.68
C GLU C 249 7.16 35.58 13.31
N SER C 250 6.89 36.82 12.88
CA SER C 250 5.84 37.63 13.48
C SER C 250 4.45 37.18 13.05
N ASP C 251 4.38 36.29 12.05
CA ASP C 251 3.13 35.66 11.66
C ASP C 251 2.90 34.32 12.38
N ARG C 252 3.94 33.75 12.98
CA ARG C 252 3.80 32.46 13.64
C ARG C 252 3.13 32.60 15.00
N LYS C 253 2.60 31.48 15.50
CA LYS C 253 2.05 31.38 16.83
C LYS C 253 2.56 30.08 17.42
N ASP C 254 2.88 30.09 18.71
CA ASP C 254 3.33 28.86 19.39
C ASP C 254 2.15 28.23 20.11
N ALA C 255 2.36 27.06 20.68
CA ALA C 255 1.29 26.33 21.34
C ALA C 255 0.71 27.14 22.48
N GLU C 256 1.59 27.74 23.27
CA GLU C 256 1.16 28.60 24.38
C GLU C 256 0.18 29.67 23.91
N ARG C 257 0.47 30.33 22.80
CA ARG C 257 -0.44 31.38 22.30
C ARG C 257 -1.83 30.82 22.01
N TRP C 258 -1.92 29.58 21.53
CA TRP C 258 -3.20 28.94 21.24
C TRP C 258 -3.93 28.53 22.54
N PHE C 259 -3.18 28.04 23.52
CA PHE C 259 -3.74 27.79 24.85
C PHE C 259 -4.20 29.11 25.49
N ALA C 260 -3.34 30.12 25.45
CA ALA C 260 -3.69 31.42 26.03
C ALA C 260 -4.91 32.01 25.34
N LEU C 261 -4.94 31.93 24.01
CA LEU C 261 -6.06 32.43 23.23
C LEU C 261 -7.34 31.69 23.59
N ALA C 262 -7.28 30.37 23.64
CA ALA C 262 -8.47 29.55 23.87
C ALA C 262 -8.96 29.59 25.31
N LYS C 263 -8.11 30.02 26.23
CA LYS C 263 -8.49 30.14 27.63
C LYS C 263 -9.43 31.35 27.79
N GLU C 264 -8.89 32.54 27.51
CA GLU C 264 -9.67 33.79 27.54
C GLU C 264 -11.09 33.61 26.98
N ASN C 265 -11.20 33.15 25.73
CA ASN C 265 -12.49 33.01 25.06
C ASN C 265 -13.50 32.20 25.89
N MET D 4 -57.39 17.16 -24.22
CA MET D 4 -57.59 15.86 -24.90
C MET D 4 -56.72 14.79 -24.22
N LYS D 5 -55.47 14.62 -24.67
CA LYS D 5 -54.56 13.61 -24.12
C LYS D 5 -53.91 14.07 -22.81
N ARG D 6 -54.17 13.34 -21.72
CA ARG D 6 -53.60 13.65 -20.40
C ARG D 6 -52.06 13.63 -20.45
N ALA D 7 -51.45 14.35 -19.52
CA ALA D 7 -49.97 14.45 -19.44
C ALA D 7 -49.36 13.12 -18.98
N ARG D 8 -48.20 12.78 -19.56
CA ARG D 8 -47.47 11.56 -19.17
C ARG D 8 -46.79 11.74 -17.80
N SER D 9 -45.94 12.77 -17.70
CA SER D 9 -45.22 13.12 -16.45
C SER D 9 -44.02 12.21 -16.17
N ALA D 10 -42.95 12.80 -15.63
CA ALA D 10 -41.69 12.08 -15.34
C ALA D 10 -41.84 11.02 -14.22
N ASN D 11 -41.70 9.76 -14.64
CA ASN D 11 -41.88 8.57 -13.80
C ASN D 11 -41.73 7.42 -14.77
N ILE D 12 -40.60 6.75 -14.72
CA ILE D 12 -40.20 5.87 -15.79
C ILE D 12 -41.15 4.65 -15.85
N PRO D 13 -41.83 4.45 -16.99
CA PRO D 13 -42.65 3.24 -17.13
C PRO D 13 -41.80 1.95 -17.09
N GLY D 14 -42.38 0.91 -16.49
CA GLY D 14 -41.74 -0.42 -16.40
C GLY D 14 -41.17 -0.97 -17.69
N ALA D 15 -41.92 -0.88 -18.78
CA ALA D 15 -41.39 -1.30 -20.07
C ALA D 15 -40.05 -0.59 -20.30
N ILE D 16 -40.00 0.72 -20.04
CA ILE D 16 -38.82 1.52 -20.30
C ILE D 16 -37.71 1.14 -19.33
N LEU D 17 -38.06 0.92 -18.05
CA LEU D 17 -37.08 0.56 -17.03
C LEU D 17 -36.39 -0.80 -17.35
N HIS D 18 -37.13 -1.73 -17.96
CA HIS D 18 -36.55 -3.00 -18.43
C HIS D 18 -35.53 -2.74 -19.51
N SER D 19 -35.85 -1.84 -20.43
CA SER D 19 -34.94 -1.56 -21.52
C SER D 19 -33.67 -0.87 -21.00
N LEU D 20 -33.83 0.00 -20.02
CA LEU D 20 -32.70 0.64 -19.40
C LEU D 20 -31.82 -0.43 -18.75
N ALA D 21 -32.45 -1.38 -18.06
CA ALA D 21 -31.71 -2.42 -17.36
C ALA D 21 -30.89 -3.28 -18.32
N GLU D 22 -31.46 -3.54 -19.48
CA GLU D 22 -30.75 -4.28 -20.49
C GLU D 22 -29.51 -3.53 -20.98
N LEU D 23 -29.59 -2.21 -21.13
CA LEU D 23 -28.39 -1.44 -21.48
C LEU D 23 -27.38 -1.51 -20.33
N GLN D 24 -27.87 -1.39 -19.11
CA GLN D 24 -27.02 -1.42 -17.92
C GLN D 24 -26.30 -2.75 -17.82
N ASP D 25 -27.05 -3.82 -18.11
CA ASP D 25 -26.53 -5.18 -18.08
C ASP D 25 -25.42 -5.31 -19.11
N GLY D 26 -25.64 -4.75 -20.29
CA GLY D 26 -24.62 -4.81 -21.37
C GLY D 26 -23.35 -4.01 -21.05
N LEU D 27 -23.51 -2.83 -20.47
CA LEU D 27 -22.36 -2.03 -20.07
C LEU D 27 -21.56 -2.74 -18.98
N ASN D 28 -22.24 -3.25 -17.96
CA ASN D 28 -21.58 -4.01 -16.88
C ASN D 28 -20.88 -5.23 -17.40
N ALA D 29 -21.41 -5.83 -18.46
CA ALA D 29 -20.84 -7.05 -19.03
C ALA D 29 -19.60 -6.74 -19.83
N MET D 30 -19.50 -5.53 -20.38
CA MET D 30 -18.28 -5.12 -21.11
C MET D 30 -17.17 -5.04 -20.06
N ILE D 31 -17.52 -4.59 -18.86
CA ILE D 31 -16.57 -4.41 -17.76
C ILE D 31 -16.13 -5.78 -17.19
N ASP D 32 -17.10 -6.63 -16.82
CA ASP D 32 -16.81 -8.06 -16.55
C ASP D 32 -17.95 -8.92 -17.08
N PRO D 33 -17.64 -9.89 -17.95
CA PRO D 33 -18.69 -10.79 -18.41
C PRO D 33 -19.51 -11.39 -17.28
N SER D 34 -18.87 -11.83 -16.20
CA SER D 34 -19.62 -12.47 -15.12
C SER D 34 -19.90 -11.51 -13.97
N TRP D 35 -20.40 -10.32 -14.28
CA TRP D 35 -20.49 -9.22 -13.29
C TRP D 35 -21.41 -9.52 -12.12
N ARG D 36 -22.54 -10.17 -12.37
CA ARG D 36 -23.45 -10.56 -11.27
C ARG D 36 -22.78 -11.49 -10.26
N ALA D 37 -21.85 -12.29 -10.74
CA ALA D 37 -21.16 -13.24 -9.89
C ALA D 37 -19.97 -12.57 -9.19
N VAL D 38 -19.28 -11.65 -9.85
CA VAL D 38 -18.08 -11.06 -9.24
C VAL D 38 -18.34 -9.79 -8.41
N ARG D 39 -19.31 -8.97 -8.79
CA ARG D 39 -19.66 -7.78 -8.01
C ARG D 39 -20.50 -8.17 -6.78
N SER D 40 -20.42 -7.36 -5.73
CA SER D 40 -21.25 -7.55 -4.56
C SER D 40 -22.27 -6.42 -4.51
N LEU D 41 -23.31 -6.60 -3.72
CA LEU D 41 -24.24 -5.53 -3.48
C LEU D 41 -23.55 -4.34 -2.80
N ASP D 42 -22.61 -4.63 -1.88
CA ASP D 42 -21.82 -3.57 -1.25
C ASP D 42 -21.00 -2.70 -2.24
N ASN D 43 -20.41 -3.33 -3.26
CA ASN D 43 -19.78 -2.59 -4.35
C ASN D 43 -20.70 -1.48 -4.86
N TRP D 44 -21.97 -1.81 -5.13
CA TRP D 44 -22.89 -0.80 -5.69
C TRP D 44 -23.22 0.26 -4.67
N ALA D 45 -23.43 -0.15 -3.42
CA ALA D 45 -23.76 0.79 -2.33
C ALA D 45 -22.61 1.79 -2.13
N LEU D 46 -21.39 1.28 -2.19
CA LEU D 46 -20.19 2.11 -2.08
C LEU D 46 -20.09 3.09 -3.23
N ALA D 47 -20.27 2.60 -4.45
CA ALA D 47 -20.20 3.49 -5.59
C ALA D 47 -21.20 4.60 -5.44
N ILE D 48 -22.39 4.29 -4.94
CA ILE D 48 -23.43 5.30 -4.78
C ILE D 48 -23.01 6.32 -3.69
N THR D 49 -22.33 5.83 -2.66
CA THR D 49 -21.81 6.68 -1.58
C THR D 49 -20.77 7.65 -2.12
N MET D 50 -19.87 7.13 -2.93
CA MET D 50 -18.79 7.93 -3.48
C MET D 50 -19.32 9.00 -4.45
N GLU D 51 -20.29 8.63 -5.29
CA GLU D 51 -20.84 9.59 -6.23
C GLU D 51 -21.74 10.58 -5.51
N SER D 52 -22.41 10.15 -4.46
CA SER D 52 -23.20 11.07 -3.66
C SER D 52 -22.36 12.21 -3.10
N THR D 53 -21.19 11.90 -2.55
CA THR D 53 -20.37 12.97 -2.00
C THR D 53 -19.73 13.78 -3.12
N GLU D 54 -19.52 13.16 -4.29
CA GLU D 54 -18.97 13.89 -5.44
C GLU D 54 -20.04 14.88 -5.93
N LEU D 55 -21.29 14.46 -5.89
CA LEU D 55 -22.38 15.34 -6.22
C LEU D 55 -22.44 16.49 -5.23
N LEU D 56 -22.32 16.20 -3.93
CA LEU D 56 -22.34 17.26 -2.91
C LEU D 56 -21.17 18.22 -3.00
N ASP D 57 -20.05 17.75 -3.53
CA ASP D 57 -18.90 18.64 -3.72
C ASP D 57 -19.08 19.65 -4.85
N SER D 58 -20.18 19.56 -5.61
CA SER D 58 -20.52 20.57 -6.62
C SER D 58 -21.12 21.85 -5.98
N TYR D 59 -21.58 21.73 -4.74
CA TYR D 59 -22.13 22.85 -4.01
C TYR D 59 -21.09 23.52 -3.12
N PRO D 60 -21.27 24.81 -2.83
CA PRO D 60 -20.38 25.51 -1.90
C PRO D 60 -20.72 25.13 -0.45
N TRP D 61 -20.37 23.92 -0.05
CA TRP D 61 -20.70 23.44 1.29
C TRP D 61 -19.66 23.90 2.30
N LYS D 62 -18.44 24.18 1.84
CA LYS D 62 -17.35 24.57 2.75
C LYS D 62 -17.54 25.99 3.27
N TRP D 63 -17.28 26.18 4.57
CA TRP D 63 -17.44 27.47 5.24
C TRP D 63 -16.10 28.16 5.48
N TRP D 64 -15.01 27.50 5.10
CA TRP D 64 -13.67 28.00 5.39
C TRP D 64 -12.87 28.34 4.13
N LYS D 65 -13.51 28.27 2.97
CA LYS D 65 -12.84 28.28 1.67
C LYS D 65 -13.86 28.67 0.58
N ASN D 66 -13.43 29.39 -0.45
CA ASN D 66 -14.28 29.61 -1.64
C ASN D 66 -15.69 30.07 -1.28
N LEU D 67 -15.76 31.15 -0.50
CA LEU D 67 -17.05 31.72 -0.15
C LEU D 67 -17.62 32.43 -1.39
N ASN D 68 -18.94 32.43 -1.51
CA ASN D 68 -19.60 33.10 -2.65
C ASN D 68 -19.48 32.36 -3.99
N ALA D 69 -19.01 31.12 -3.95
CA ALA D 69 -19.13 30.24 -5.12
C ALA D 69 -20.58 29.78 -5.23
N THR D 70 -20.94 29.28 -6.40
CA THR D 70 -22.30 28.83 -6.66
C THR D 70 -22.29 27.39 -7.14
N PRO D 71 -23.39 26.66 -6.92
CA PRO D 71 -23.47 25.26 -7.33
C PRO D 71 -23.04 25.01 -8.78
N ASP D 72 -22.35 23.89 -9.03
CA ASP D 72 -22.05 23.45 -10.38
C ASP D 72 -23.16 22.46 -10.79
N LEU D 73 -24.27 23.03 -11.27
CA LEU D 73 -25.46 22.26 -11.57
C LEU D 73 -25.28 21.32 -12.76
N ALA D 74 -24.40 21.66 -13.69
CA ALA D 74 -24.10 20.76 -14.80
C ALA D 74 -23.47 19.48 -14.28
N ASN D 75 -22.55 19.62 -13.37
CA ASN D 75 -21.93 18.48 -12.75
C ASN D 75 -22.95 17.72 -11.92
N VAL D 76 -23.86 18.41 -11.25
CA VAL D 76 -24.87 17.69 -10.49
C VAL D 76 -25.71 16.80 -11.39
N ARG D 77 -25.99 17.25 -12.61
CA ARG D 77 -26.83 16.51 -13.54
C ARG D 77 -26.15 15.20 -13.91
N ILE D 78 -24.87 15.29 -14.26
CA ILE D 78 -24.12 14.12 -14.65
C ILE D 78 -23.99 13.12 -13.50
N GLU D 79 -23.76 13.64 -12.30
CA GLU D 79 -23.58 12.77 -11.13
C GLU D 79 -24.86 12.03 -10.79
N LEU D 80 -26.00 12.68 -10.94
CA LEU D 80 -27.29 12.00 -10.76
C LEU D 80 -27.40 10.81 -11.71
N VAL D 81 -26.91 10.99 -12.92
CA VAL D 81 -26.93 9.90 -13.90
C VAL D 81 -25.98 8.78 -13.50
N ASP D 82 -24.81 9.15 -12.96
CA ASP D 82 -23.83 8.14 -12.52
C ASP D 82 -24.45 7.31 -11.39
N ILE D 83 -25.15 7.98 -10.48
CA ILE D 83 -25.76 7.30 -9.36
C ILE D 83 -26.84 6.35 -9.87
N PHE D 84 -27.62 6.82 -10.85
CA PHE D 84 -28.65 6.03 -11.50
C PHE D 84 -28.08 4.76 -12.11
N HIS D 85 -26.95 4.86 -12.81
CA HIS D 85 -26.25 3.67 -13.29
C HIS D 85 -25.97 2.66 -12.18
N PHE D 86 -25.45 3.16 -11.05
CA PHE D 86 -25.01 2.29 -9.97
C PHE D 86 -26.22 1.75 -9.25
N SER D 87 -27.24 2.58 -9.07
CA SER D 87 -28.44 2.13 -8.35
C SER D 87 -29.24 1.13 -9.21
N LEU D 88 -29.27 1.36 -10.52
CA LEU D 88 -29.98 0.44 -11.41
C LEU D 88 -29.25 -0.89 -11.35
N SER D 89 -27.91 -0.87 -11.30
CA SER D 89 -27.11 -2.09 -11.20
C SER D 89 -27.38 -2.86 -9.91
N GLY D 90 -27.51 -2.14 -8.80
CA GLY D 90 -27.77 -2.78 -7.52
C GLY D 90 -29.16 -3.38 -7.46
N ALA D 91 -30.16 -2.62 -7.90
CA ALA D 91 -31.54 -3.16 -7.99
C ALA D 91 -31.56 -4.45 -8.79
N MET D 92 -30.87 -4.43 -9.93
CA MET D 92 -30.84 -5.61 -10.83
C MET D 92 -30.15 -6.75 -10.14
N GLN D 93 -29.02 -6.44 -9.54
CA GLN D 93 -28.29 -7.50 -8.89
C GLN D 93 -29.11 -8.07 -7.73
N MET D 94 -29.77 -7.20 -6.98
CA MET D 94 -30.56 -7.67 -5.85
C MET D 94 -31.58 -8.70 -6.33
N ARG D 95 -32.21 -8.44 -7.47
CA ARG D 95 -33.15 -9.42 -8.08
C ARG D 95 -32.47 -10.76 -8.41
N SER D 96 -31.19 -10.69 -8.78
CA SER D 96 -30.38 -11.87 -9.12
C SER D 96 -29.77 -12.61 -7.91
N THR D 97 -29.82 -11.98 -6.74
CA THR D 97 -29.13 -12.46 -5.54
C THR D 97 -29.96 -13.54 -4.84
N PRO D 98 -29.33 -14.67 -4.46
CA PRO D 98 -30.11 -15.73 -3.80
C PRO D 98 -30.49 -15.40 -2.36
N ASP D 99 -31.58 -16.00 -1.90
CA ASP D 99 -32.15 -15.72 -0.57
C ASP D 99 -31.14 -15.78 0.55
N ASP D 100 -30.31 -16.82 0.57
CA ASP D 100 -29.31 -16.97 1.65
C ASP D 100 -28.11 -16.01 1.54
N GLU D 101 -28.06 -15.18 0.49
CA GLU D 101 -27.03 -14.15 0.35
C GLU D 101 -27.58 -12.72 0.42
N ILE D 102 -28.88 -12.58 0.69
CA ILE D 102 -29.51 -11.28 0.90
C ILE D 102 -29.04 -10.74 2.25
N PRO D 103 -28.51 -9.52 2.27
CA PRO D 103 -28.09 -8.96 3.54
C PRO D 103 -29.25 -8.62 4.46
N ALA D 104 -29.10 -8.99 5.74
CA ALA D 104 -30.16 -8.85 6.73
C ALA D 104 -30.68 -7.43 6.87
N ALA D 105 -29.82 -6.45 6.58
CA ALA D 105 -30.23 -5.07 6.63
C ALA D 105 -31.30 -4.74 5.58
N SER D 106 -31.28 -5.44 4.44
CA SER D 106 -32.30 -5.20 3.39
C SER D 106 -33.71 -5.55 3.84
N LEU D 107 -33.82 -6.44 4.84
CA LEU D 107 -35.10 -6.97 5.30
C LEU D 107 -35.69 -6.22 6.51
N LYS D 108 -34.83 -5.66 7.35
CA LYS D 108 -35.26 -4.95 8.56
C LYS D 108 -35.91 -3.61 8.16
N PRO D 109 -36.91 -3.14 8.94
CA PRO D 109 -37.52 -1.85 8.63
C PRO D 109 -36.48 -0.77 8.49
N LEU D 110 -36.80 0.22 7.68
CA LEU D 110 -35.84 1.24 7.31
C LEU D 110 -35.59 2.16 8.50
N LYS D 111 -36.65 2.47 9.23
CA LYS D 111 -36.61 3.23 10.47
C LYS D 111 -35.62 2.68 11.54
N GLU D 112 -35.30 1.40 11.49
CA GLU D 112 -34.39 0.78 12.46
C GLU D 112 -32.91 1.04 12.11
N VAL D 113 -32.66 1.38 10.85
CA VAL D 113 -31.32 1.43 10.30
C VAL D 113 -31.07 2.74 9.56
N MET D 114 -31.82 3.80 9.89
CA MET D 114 -31.70 5.08 9.17
C MET D 114 -32.37 6.24 9.91
N THR D 115 -31.70 7.39 9.90
CA THR D 115 -32.26 8.63 10.45
C THR D 115 -32.42 9.57 9.27
N THR D 116 -33.64 10.06 9.06
CA THR D 116 -33.91 10.91 7.93
C THR D 116 -33.51 12.33 8.25
N PHE D 117 -32.53 12.86 7.52
CA PHE D 117 -32.13 14.25 7.69
C PHE D 117 -33.08 15.17 6.95
N LEU D 118 -33.41 16.28 7.61
CA LEU D 118 -34.29 17.30 7.11
C LEU D 118 -33.54 18.62 7.06
N PRO D 119 -33.78 19.44 6.02
CA PRO D 119 -33.26 20.81 6.03
C PRO D 119 -33.99 21.68 7.06
N ALA D 120 -33.36 22.78 7.48
CA ALA D 120 -33.94 23.66 8.49
C ALA D 120 -35.07 24.50 7.93
N LYS D 121 -34.84 25.15 6.78
CA LYS D 121 -35.87 25.98 6.15
C LYS D 121 -36.95 25.07 5.56
N GLU D 122 -38.18 25.58 5.48
CA GLU D 122 -39.30 24.86 4.89
C GLU D 122 -39.01 24.58 3.42
N CYS D 123 -39.51 23.47 2.92
CA CYS D 123 -39.31 23.06 1.53
C CYS D 123 -40.30 21.95 1.19
N THR D 124 -40.43 21.62 -0.09
CA THR D 124 -41.14 20.39 -0.49
C THR D 124 -40.13 19.25 -0.69
N SER D 125 -40.64 18.02 -0.66
CA SER D 125 -39.85 16.82 -0.83
C SER D 125 -40.47 15.90 -1.84
N ASP D 126 -39.78 14.81 -2.15
CA ASP D 126 -40.33 13.75 -2.98
C ASP D 126 -41.39 12.98 -2.18
N PRO D 127 -42.07 12.02 -2.83
CA PRO D 127 -43.13 11.30 -2.11
C PRO D 127 -42.64 10.54 -0.88
N TYR D 128 -41.37 10.10 -0.89
CA TYR D 128 -40.83 9.34 0.24
C TYR D 128 -40.39 10.20 1.40
N GLY D 129 -40.06 11.45 1.14
CA GLY D 129 -39.60 12.38 2.18
C GLY D 129 -38.09 12.37 2.41
N PHE D 130 -37.35 11.96 1.37
CA PHE D 130 -35.91 11.74 1.47
C PHE D 130 -35.06 12.76 0.74
N VAL D 131 -35.65 13.41 -0.27
CA VAL D 131 -34.94 14.34 -1.13
C VAL D 131 -35.76 15.64 -1.14
N PHE D 132 -35.09 16.78 -1.28
CA PHE D 132 -35.72 18.06 -0.96
C PHE D 132 -35.51 19.09 -2.05
N PHE D 133 -36.55 19.86 -2.30
CA PHE D 133 -36.59 20.79 -3.43
C PHE D 133 -36.78 22.23 -2.93
N PRO D 134 -36.16 23.21 -3.62
CA PRO D 134 -35.36 23.06 -4.82
C PRO D 134 -33.96 22.55 -4.53
N LEU D 135 -33.42 21.77 -5.46
CA LEU D 135 -32.05 21.26 -5.35
C LEU D 135 -30.99 22.26 -5.80
N THR D 136 -31.43 23.47 -6.12
CA THR D 136 -30.56 24.63 -6.26
C THR D 136 -30.02 25.08 -4.89
N ASP D 137 -30.74 24.76 -3.81
CA ASP D 137 -30.33 25.12 -2.45
C ASP D 137 -29.39 24.04 -1.89
N THR D 138 -28.23 24.48 -1.39
CA THR D 138 -27.21 23.52 -1.01
C THR D 138 -27.64 22.73 0.23
N GLN D 139 -28.34 23.35 1.15
CA GLN D 139 -28.80 22.64 2.35
C GLN D 139 -29.83 21.54 1.97
N ASN D 140 -30.72 21.86 1.04
CA ASN D 140 -31.59 20.84 0.44
C ASN D 140 -30.77 19.68 -0.13
N ALA D 141 -29.76 20.01 -0.94
CA ALA D 141 -28.90 18.99 -1.51
C ALA D 141 -28.17 18.18 -0.45
N ILE D 142 -27.62 18.87 0.55
CA ILE D 142 -26.88 18.19 1.60
C ILE D 142 -27.78 17.17 2.30
N ALA D 143 -28.96 17.58 2.76
CA ALA D 143 -29.85 16.63 3.42
C ALA D 143 -30.28 15.50 2.48
N SER D 144 -30.46 15.84 1.20
CA SER D 144 -30.93 14.85 0.23
C SER D 144 -29.95 13.68 0.13
N PHE D 145 -28.69 14.01 -0.06
CA PHE D 145 -27.73 12.99 -0.36
C PHE D 145 -27.13 12.29 0.84
N ARG D 146 -27.22 12.92 2.00
CA ARG D 146 -26.97 12.21 3.24
C ARG D 146 -28.06 11.16 3.46
N ASN D 147 -29.28 11.40 2.98
CA ASN D 147 -30.28 10.31 3.00
C ASN D 147 -29.99 9.22 1.96
N ILE D 148 -29.55 9.60 0.77
CA ILE D 148 -29.27 8.62 -0.27
C ILE D 148 -28.21 7.63 0.20
N ILE D 149 -27.19 8.12 0.91
CA ILE D 149 -26.11 7.27 1.43
C ILE D 149 -26.67 6.25 2.39
N GLN D 150 -27.58 6.66 3.25
CA GLN D 150 -28.21 5.73 4.21
C GLN D 150 -29.12 4.74 3.52
N LEU D 151 -29.85 5.19 2.51
CA LEU D 151 -30.66 4.26 1.69
C LEU D 151 -29.77 3.22 1.06
N ALA D 152 -28.64 3.66 0.52
CA ALA D 152 -27.70 2.73 -0.11
C ALA D 152 -27.17 1.71 0.93
N ASN D 153 -26.84 2.17 2.13
CA ASN D 153 -26.35 1.31 3.20
C ASN D 153 -27.36 0.27 3.57
N ALA D 154 -28.63 0.61 3.37
CA ALA D 154 -29.73 -0.30 3.69
C ALA D 154 -30.18 -1.06 2.42
N TYR D 155 -29.44 -0.89 1.32
CA TYR D 155 -29.69 -1.60 0.06
C TYR D 155 -31.02 -1.28 -0.60
N ARG D 156 -31.49 -0.05 -0.43
CA ARG D 156 -32.79 0.33 -0.99
C ARG D 156 -32.60 0.93 -2.39
N PHE D 157 -32.06 0.13 -3.28
CA PHE D 157 -31.71 0.62 -4.60
C PHE D 157 -32.94 1.09 -5.42
N ASP D 158 -34.05 0.39 -5.28
CA ASP D 158 -35.26 0.80 -5.98
C ASP D 158 -35.74 2.15 -5.46
N VAL D 159 -35.60 2.40 -4.16
CA VAL D 159 -36.02 3.68 -3.59
C VAL D 159 -35.14 4.80 -4.16
N ILE D 160 -33.85 4.57 -4.25
CA ILE D 160 -32.92 5.57 -4.77
C ILE D 160 -33.26 5.95 -6.23
N ILE D 161 -33.61 4.95 -7.04
CA ILE D 161 -34.02 5.18 -8.45
C ILE D 161 -35.17 6.19 -8.51
N GLU D 162 -36.21 5.91 -7.73
CA GLU D 162 -37.33 6.83 -7.62
C GLU D 162 -36.92 8.23 -7.16
N CYS D 163 -36.06 8.29 -6.15
CA CYS D 163 -35.58 9.56 -5.64
C CYS D 163 -34.84 10.35 -6.72
N ILE D 164 -33.99 9.67 -7.49
CA ILE D 164 -33.25 10.33 -8.58
C ILE D 164 -34.21 10.83 -9.67
N ILE D 165 -35.27 10.06 -9.92
CA ILE D 165 -36.26 10.49 -10.94
C ILE D 165 -36.85 11.81 -10.50
N TYR D 166 -37.29 11.86 -9.26
CA TYR D 166 -37.93 13.07 -8.75
C TYR D 166 -36.92 14.23 -8.70
N ALA D 167 -35.65 13.90 -8.46
CA ALA D 167 -34.59 14.92 -8.40
C ALA D 167 -34.29 15.50 -9.79
N ALA D 168 -34.27 14.63 -10.80
CA ALA D 168 -34.05 15.09 -12.18
C ALA D 168 -35.15 16.06 -12.60
N GLU D 169 -36.40 15.76 -12.21
CA GLU D 169 -37.56 16.59 -12.55
C GLU D 169 -37.43 17.96 -11.90
N ASP D 170 -37.04 18.01 -10.63
CA ASP D 170 -36.86 19.29 -9.96
C ASP D 170 -35.79 20.15 -10.62
N LEU D 171 -34.71 19.51 -11.07
CA LEU D 171 -33.61 20.22 -11.71
C LEU D 171 -33.86 20.51 -13.18
N GLY D 172 -35.00 20.04 -13.69
CA GLY D 172 -35.46 20.40 -15.03
C GLY D 172 -34.65 19.81 -16.16
N PHE D 173 -34.25 18.54 -16.02
CA PHE D 173 -33.58 17.86 -17.14
C PHE D 173 -34.12 16.47 -17.42
N ASN D 174 -33.74 15.94 -18.57
CA ASN D 174 -34.27 14.68 -19.05
C ASN D 174 -33.33 13.56 -18.62
N LEU D 175 -33.69 12.94 -17.50
CA LEU D 175 -32.92 11.87 -16.88
C LEU D 175 -32.58 10.74 -17.86
N VAL D 176 -33.62 10.18 -18.47
CA VAL D 176 -33.43 9.07 -19.37
C VAL D 176 -32.55 9.48 -20.56
N ALA D 177 -32.74 10.69 -21.10
CA ALA D 177 -31.88 11.13 -22.22
C ALA D 177 -30.41 11.21 -21.80
N TYR D 178 -30.13 11.83 -20.66
CA TYR D 178 -28.76 11.90 -20.12
C TYR D 178 -28.19 10.53 -19.83
N TYR D 179 -29.00 9.63 -19.28
CA TYR D 179 -28.55 8.25 -19.05
C TYR D 179 -28.02 7.65 -20.35
N ILE D 180 -28.78 7.75 -21.42
CA ILE D 180 -28.33 7.18 -22.69
C ILE D 180 -27.02 7.80 -23.16
N ALA D 181 -26.90 9.11 -23.02
CA ALA D 181 -25.67 9.80 -23.41
C ALA D 181 -24.44 9.26 -22.63
N LYS D 182 -24.55 9.20 -21.32
CA LYS D 182 -23.42 8.78 -20.48
C LYS D 182 -23.11 7.30 -20.62
N HIS D 183 -24.18 6.52 -20.66
CA HIS D 183 -24.07 5.10 -20.96
C HIS D 183 -23.22 4.93 -22.21
N THR D 184 -23.47 5.74 -23.23
CA THR D 184 -22.70 5.61 -24.47
C THR D 184 -21.25 5.99 -24.23
N LEU D 185 -21.03 7.06 -23.47
CA LEU D 185 -19.68 7.48 -23.10
C LEU D 185 -18.99 6.37 -22.27
N ASN D 186 -19.70 5.78 -21.32
CA ASN D 186 -19.18 4.64 -20.53
C ASN D 186 -18.73 3.47 -21.38
N CYS D 187 -19.50 3.12 -22.40
CA CYS D 187 -19.08 2.06 -23.31
C CYS D 187 -17.83 2.54 -24.06
N ILE D 188 -17.81 3.81 -24.42
CA ILE D 188 -16.69 4.35 -25.18
C ILE D 188 -15.40 4.23 -24.36
N ARG D 189 -15.47 4.62 -23.10
CA ARG D 189 -14.32 4.56 -22.21
C ARG D 189 -13.77 3.12 -22.10
N GLN D 190 -14.65 2.14 -21.93
CA GLN D 190 -14.22 0.74 -21.84
C GLN D 190 -13.54 0.24 -23.08
N LEU D 191 -14.01 0.72 -24.23
CA LEU D 191 -13.43 0.38 -25.52
C LEU D 191 -12.01 0.93 -25.70
N SER D 192 -11.74 2.06 -25.05
CA SER D 192 -10.51 2.81 -25.25
C SER D 192 -9.49 2.62 -24.10
N GLY D 193 -9.69 1.62 -23.24
CA GLY D 193 -8.71 1.27 -22.20
C GLY D 193 -8.75 2.12 -20.93
N TYR D 194 -9.94 2.33 -20.40
CA TYR D 194 -10.11 3.06 -19.15
C TYR D 194 -9.44 2.25 -18.02
N LYS D 195 -9.58 0.92 -18.10
CA LYS D 195 -9.00 -0.02 -17.13
C LYS D 195 -7.49 0.10 -16.92
N ASP D 196 -6.75 0.16 -18.02
CA ASP D 196 -5.29 0.12 -17.96
C ASP D 196 -4.67 1.51 -17.81
N GLY D 197 -5.51 2.52 -17.65
CA GLY D 197 -5.05 3.90 -17.56
C GLY D 197 -4.66 4.56 -18.86
N SER D 198 -5.00 3.95 -20.01
CA SER D 198 -4.74 4.58 -21.32
C SER D 198 -5.61 5.82 -21.52
N TYR D 199 -6.92 5.63 -21.39
CA TYR D 199 -7.89 6.64 -21.76
C TYR D 199 -7.81 7.88 -20.86
N VAL D 200 -7.58 9.03 -21.48
CA VAL D 200 -7.62 10.31 -20.80
C VAL D 200 -9.07 10.79 -20.69
N LYS D 201 -9.50 11.08 -19.47
CA LYS D 201 -10.86 11.56 -19.18
C LYS D 201 -11.02 13.03 -19.62
N VAL D 202 -9.92 13.78 -19.53
CA VAL D 202 -9.90 15.18 -19.90
C VAL D 202 -8.76 15.43 -20.88
N ASN D 203 -9.10 15.82 -22.12
CA ASN D 203 -8.10 16.04 -23.18
C ASN D 203 -8.71 16.67 -24.45
N ASN D 204 -7.92 17.41 -25.24
CA ASN D 204 -6.55 17.82 -24.90
C ASN D 204 -6.61 18.95 -23.87
N GLY D 205 -7.79 19.55 -23.70
CA GLY D 205 -8.08 20.47 -22.61
C GLY D 205 -9.57 20.66 -22.41
N VAL D 206 -10.31 19.55 -22.30
CA VAL D 206 -11.77 19.59 -22.15
C VAL D 206 -12.35 18.24 -21.70
N GLU D 207 -12.92 18.22 -20.49
CA GLU D 207 -13.46 16.98 -19.89
C GLU D 207 -14.52 16.31 -20.77
N ASP D 208 -14.51 14.97 -20.82
CA ASP D 208 -15.41 14.23 -21.73
C ASP D 208 -16.90 14.37 -21.39
N ASN D 209 -17.25 14.38 -20.11
CA ASN D 209 -18.65 14.56 -19.70
C ASN D 209 -19.27 15.82 -20.31
N SER D 210 -18.47 16.86 -20.48
CA SER D 210 -18.97 18.16 -20.94
C SER D 210 -19.58 18.15 -22.36
N LEU D 211 -19.19 17.18 -23.19
CA LEU D 211 -19.71 17.09 -24.55
C LEU D 211 -21.12 16.51 -24.62
N LEU D 212 -21.57 15.91 -23.52
CA LEU D 212 -22.88 15.24 -23.49
C LEU D 212 -24.10 16.18 -23.56
N HIS D 213 -23.99 17.35 -22.94
CA HIS D 213 -25.11 18.30 -22.88
C HIS D 213 -25.68 18.60 -24.26
N ASN D 214 -24.79 18.89 -25.22
CA ASN D 214 -25.19 19.18 -26.60
C ASN D 214 -25.72 17.95 -27.36
N CYS D 215 -25.41 16.75 -26.87
CA CYS D 215 -25.83 15.52 -27.55
C CYS D 215 -27.30 15.16 -27.28
N ILE D 216 -27.91 15.81 -26.28
CA ILE D 216 -29.29 15.50 -25.88
C ILE D 216 -30.21 16.73 -25.86
N LYS D 217 -29.80 17.83 -26.49
CA LYS D 217 -30.56 19.09 -26.44
C LYS D 217 -31.92 19.04 -27.17
N ASP D 218 -32.06 18.15 -28.15
CA ASP D 218 -33.22 18.13 -29.06
C ASP D 218 -34.20 16.96 -28.83
N VAL D 219 -34.00 16.22 -27.73
CA VAL D 219 -34.93 15.16 -27.29
C VAL D 219 -35.93 15.73 -26.28
N SER D 220 -37.17 15.26 -26.33
CA SER D 220 -38.22 15.71 -25.39
C SER D 220 -38.52 14.69 -24.28
N LEU D 221 -39.25 15.13 -23.27
CA LEU D 221 -39.66 14.29 -22.14
C LEU D 221 -40.39 13.03 -22.60
N ASP D 222 -41.46 13.20 -23.40
CA ASP D 222 -42.28 12.07 -23.87
C ASP D 222 -41.53 11.16 -24.86
N GLU D 223 -40.78 11.79 -25.77
CA GLU D 223 -40.06 11.13 -26.87
C GLU D 223 -39.15 9.99 -26.41
N VAL D 224 -38.80 10.00 -25.13
CA VAL D 224 -37.79 9.12 -24.61
C VAL D 224 -38.42 8.05 -23.69
N LEU D 225 -39.68 8.28 -23.32
CA LEU D 225 -40.50 7.37 -22.51
C LEU D 225 -41.64 6.73 -23.31
N ASP D 226 -41.71 6.99 -24.62
CA ASP D 226 -42.89 6.62 -25.43
C ASP D 226 -42.63 5.28 -26.09
N ALA D 227 -43.39 4.26 -25.68
CA ALA D 227 -43.30 2.91 -26.28
C ALA D 227 -43.11 2.89 -27.81
N ASP D 228 -43.78 3.81 -28.49
CA ASP D 228 -43.80 3.86 -29.96
C ASP D 228 -42.55 4.54 -30.55
N LYS D 229 -41.90 5.40 -29.78
CA LYS D 229 -40.81 6.24 -30.34
C LYS D 229 -39.46 6.18 -29.61
N TYR D 230 -39.40 5.53 -28.46
CA TYR D 230 -38.22 5.65 -27.59
C TYR D 230 -36.95 5.02 -28.17
N VAL D 231 -37.11 3.95 -28.93
CA VAL D 231 -35.95 3.27 -29.51
C VAL D 231 -35.21 4.17 -30.50
N GLN D 232 -35.95 4.83 -31.39
CA GLN D 232 -35.36 5.77 -32.34
C GLN D 232 -34.68 6.97 -31.64
N ALA D 233 -35.36 7.49 -30.62
CA ALA D 233 -34.87 8.66 -29.90
C ALA D 233 -33.55 8.31 -29.16
N TRP D 234 -33.51 7.14 -28.55
CA TRP D 234 -32.28 6.68 -27.90
C TRP D 234 -31.13 6.55 -28.92
N ASN D 235 -31.41 5.95 -30.06
CA ASN D 235 -30.38 5.75 -31.09
C ASN D 235 -29.78 7.06 -31.61
N SER D 236 -30.59 8.11 -31.69
CA SER D 236 -30.10 9.41 -32.15
C SER D 236 -29.21 10.02 -31.08
N ILE D 237 -29.54 9.78 -29.82
CA ILE D 237 -28.67 10.22 -28.72
C ILE D 237 -27.34 9.47 -28.80
N MET D 238 -27.43 8.14 -28.99
CA MET D 238 -26.24 7.31 -29.09
C MET D 238 -25.35 7.75 -30.24
N ALA D 239 -25.95 7.94 -31.41
CA ALA D 239 -25.23 8.40 -32.59
C ALA D 239 -24.48 9.70 -32.32
N ASN D 240 -25.16 10.67 -31.70
CA ASN D 240 -24.50 11.95 -31.36
C ASN D 240 -23.26 11.76 -30.47
N VAL D 241 -23.35 10.90 -29.46
CA VAL D 241 -22.20 10.66 -28.59
C VAL D 241 -21.06 9.97 -29.35
N TYR D 242 -21.37 8.88 -30.06
CA TYR D 242 -20.37 8.21 -30.89
C TYR D 242 -19.70 9.21 -31.81
N GLU D 243 -20.49 9.94 -32.60
CA GLU D 243 -19.92 10.88 -33.58
C GLU D 243 -19.06 11.93 -32.86
N ALA D 244 -19.56 12.44 -31.73
CA ALA D 244 -18.80 13.41 -30.94
C ALA D 244 -17.43 12.92 -30.47
N PHE D 245 -17.25 11.60 -30.36
CA PHE D 245 -15.96 11.02 -29.94
C PHE D 245 -15.22 10.29 -31.08
N GLN D 246 -15.63 10.54 -32.31
CA GLN D 246 -14.94 10.02 -33.51
C GLN D 246 -14.80 8.49 -33.53
N ILE D 247 -15.85 7.82 -33.08
CA ILE D 247 -15.85 6.37 -32.97
C ILE D 247 -16.30 5.70 -34.26
N LYS D 248 -15.46 4.85 -34.83
CA LYS D 248 -15.80 4.09 -36.03
C LYS D 248 -17.10 3.29 -35.85
N GLU D 249 -17.78 2.99 -36.96
CA GLU D 249 -19.11 2.37 -36.93
C GLU D 249 -19.12 0.94 -36.39
N SER D 250 -18.04 0.19 -36.66
CA SER D 250 -17.95 -1.22 -36.26
C SER D 250 -17.85 -1.41 -34.74
N ASP D 251 -17.45 -0.34 -34.04
CA ASP D 251 -17.39 -0.35 -32.58
C ASP D 251 -18.69 0.12 -31.92
N ARG D 252 -19.65 0.60 -32.72
CA ARG D 252 -20.92 1.12 -32.22
C ARG D 252 -21.99 0.04 -32.07
N LYS D 253 -22.86 0.20 -31.08
CA LYS D 253 -24.02 -0.67 -30.91
C LYS D 253 -25.26 0.21 -30.80
N ASP D 254 -26.40 -0.27 -31.31
CA ASP D 254 -27.66 0.45 -31.19
C ASP D 254 -28.50 -0.21 -30.10
N ALA D 255 -29.59 0.44 -29.73
CA ALA D 255 -30.45 -0.07 -28.66
C ALA D 255 -30.81 -1.54 -28.92
N GLU D 256 -31.34 -1.82 -30.10
CA GLU D 256 -31.75 -3.20 -30.44
C GLU D 256 -30.61 -4.21 -30.28
N ARG D 257 -29.40 -3.84 -30.70
CA ARG D 257 -28.24 -4.69 -30.46
C ARG D 257 -28.16 -4.99 -28.96
N TRP D 258 -28.33 -3.97 -28.11
CA TRP D 258 -28.23 -4.15 -26.65
C TRP D 258 -29.39 -5.02 -26.17
N PHE D 259 -30.60 -4.78 -26.69
CA PHE D 259 -31.74 -5.60 -26.27
C PHE D 259 -31.51 -7.06 -26.66
N ALA D 260 -30.91 -7.28 -27.83
CA ALA D 260 -30.68 -8.65 -28.31
C ALA D 260 -29.59 -9.33 -27.51
N LEU D 261 -28.52 -8.62 -27.16
CA LEU D 261 -27.46 -9.21 -26.31
C LEU D 261 -28.07 -9.67 -24.98
N ALA D 262 -28.91 -8.83 -24.38
CA ALA D 262 -29.56 -9.16 -23.09
C ALA D 262 -30.50 -10.37 -23.18
N LYS D 263 -31.22 -10.47 -24.30
CA LYS D 263 -32.08 -11.61 -24.55
C LYS D 263 -31.24 -12.89 -24.75
N GLU D 264 -30.13 -12.77 -25.47
CA GLU D 264 -29.22 -13.92 -25.66
C GLU D 264 -28.78 -14.54 -24.33
N ASN D 265 -28.44 -13.71 -23.35
CA ASN D 265 -28.04 -14.21 -22.04
C ASN D 265 -29.17 -14.94 -21.30
N ARG D 266 -30.41 -14.48 -21.46
CA ARG D 266 -31.57 -15.18 -20.90
C ARG D 266 -31.86 -16.42 -21.78
N LEU D 267 -31.34 -17.56 -21.35
CA LEU D 267 -31.34 -18.82 -22.12
C LEU D 267 -30.01 -19.00 -22.86
N1 DUR E . 22.79 3.64 -6.53
C2 DUR E . 23.25 3.85 -7.85
N3 DUR E . 24.53 3.67 -8.15
C4 DUR E . 25.41 3.35 -7.20
C5 DUR E . 24.98 3.14 -5.91
C6 DUR E . 23.66 3.29 -5.58
O2 DUR E . 22.48 4.18 -8.77
O4 DUR E . 26.62 3.20 -7.48
C1' DUR E . 21.37 3.76 -6.23
C2' DUR E . 20.65 2.57 -6.80
C3' DUR E . 19.40 2.46 -5.96
C4' DUR E . 19.72 3.23 -4.70
O3' DUR E . 18.26 3.07 -6.59
O4' DUR E . 21.03 3.75 -4.84
C5' DUR E . 19.62 2.36 -3.43
O5' DUR E . 18.41 1.55 -3.43
S SO4 F . 19.44 2.16 0.52
O1 SO4 F . 19.34 2.09 1.97
O2 SO4 F . 18.13 1.79 0.00
O3 SO4 F . 19.94 3.49 0.14
O4 SO4 F . 20.30 1.18 -0.06
S SO4 G . 20.93 0.57 6.12
O1 SO4 G . 21.66 1.39 7.10
O2 SO4 G . 19.51 0.88 6.21
O3 SO4 G . 21.46 0.83 4.78
O4 SO4 G . 21.13 -0.86 6.36
S SO4 H . 18.30 4.80 7.21
O1 SO4 H . 19.09 4.69 8.46
O2 SO4 H . 17.05 5.48 7.54
O3 SO4 H . 19.08 5.51 6.15
O4 SO4 H . 17.97 3.43 6.74
N1 DUR I . 10.79 -20.33 12.04
C2 DUR I . 10.83 -21.73 12.20
N3 DUR I . 9.96 -22.52 11.56
C4 DUR I . 9.00 -21.99 10.78
C5 DUR I . 8.94 -20.61 10.60
C6 DUR I . 9.84 -19.77 11.28
O2 DUR I . 11.72 -22.23 12.91
O4 DUR I . 8.19 -22.75 10.19
C1' DUR I . 11.76 -19.55 12.78
C2' DUR I . 13.12 -19.46 12.13
C3' DUR I . 13.66 -18.11 12.60
C4' DUR I . 12.44 -17.35 13.02
O3' DUR I . 14.58 -18.23 13.70
O4' DUR I . 11.32 -18.22 12.94
C5' DUR I . 12.20 -16.11 12.17
O5' DUR I . 13.36 -15.27 12.20
S SO4 J . 11.08 -12.38 11.58
O1 SO4 J . 10.44 -11.07 11.43
O2 SO4 J . 11.07 -13.13 10.36
O3 SO4 J . 12.46 -12.08 12.00
O4 SO4 J . 10.30 -13.15 12.58
S SO4 K . 7.67 -8.48 8.47
O1 SO4 K . 7.29 -7.15 8.93
O2 SO4 K . 6.47 -9.31 8.20
O3 SO4 K . 8.50 -8.42 7.26
O4 SO4 K . 8.50 -8.99 9.54
N1 DUR L . -10.92 22.94 9.45
C2 DUR L . -11.11 23.01 10.83
N3 DUR L . -12.15 23.68 11.34
C4 DUR L . -13.03 24.30 10.53
C5 DUR L . -12.87 24.25 9.15
C6 DUR L . -11.79 23.55 8.63
O2 DUR L . -10.27 22.44 11.58
O4 DUR L . -14.01 24.92 11.01
C1' DUR L . -9.74 22.22 8.96
C2' DUR L . -9.90 20.72 8.94
C3' DUR L . -9.01 20.30 7.80
C4' DUR L . -8.78 21.53 6.94
O3' DUR L . -7.76 19.78 8.28
O4' DUR L . -9.37 22.62 7.64
C5' DUR L . -9.39 21.42 5.54
O5' DUR L . -8.47 20.72 4.68
S SO4 M . -9.82 21.48 1.53
O1 SO4 M . -9.32 22.56 2.38
O2 SO4 M . -11.11 21.07 2.07
O3 SO4 M . -9.93 21.95 0.15
O4 SO4 M . -8.90 20.32 1.51
S SO4 N . -12.67 22.78 -3.68
O1 SO4 N . -12.48 23.20 -2.30
O2 SO4 N . -13.85 21.91 -3.71
O3 SO4 N . -12.89 23.97 -4.51
O4 SO4 N . -11.47 22.11 -4.20
N1 DUR O . -20.27 2.13 -14.39
C2 DUR O . -21.29 1.18 -14.61
N3 DUR O . -21.10 -0.09 -14.27
C4 DUR O . -19.96 -0.49 -13.72
C5 DUR O . -18.95 0.43 -13.49
C6 DUR O . -19.13 1.76 -13.84
O2 DUR O . -22.35 1.56 -15.13
O4 DUR O . -19.78 -1.67 -13.41
C1' DUR O . -20.51 3.48 -14.78
C2' DUR O . -21.32 4.25 -13.78
C3' DUR O . -20.83 5.67 -13.95
C4' DUR O . -19.48 5.52 -14.59
O3' DUR O . -21.66 6.46 -14.85
O4' DUR O . -19.30 4.16 -14.95
C5' DUR O . -18.39 6.04 -13.67
O5' DUR O . -18.63 7.45 -13.43
S SO4 P . -14.97 8.01 -13.06
O1 SO4 P . -15.39 7.31 -11.87
O2 SO4 P . -15.81 9.21 -13.17
O3 SO4 P . -13.59 8.49 -13.04
O4 SO4 P . -15.09 7.01 -14.13
S SO4 Q . -9.30 7.49 -10.14
O1 SO4 Q . -9.88 7.85 -8.83
O2 SO4 Q . -10.23 8.05 -11.15
O3 SO4 Q . -8.01 8.13 -10.38
O4 SO4 Q . -9.06 6.02 -10.19
#